data_4RXC
#
_entry.id   4RXC
#
_cell.length_a   133.012
_cell.length_b   120.919
_cell.length_c   63.340
_cell.angle_alpha   90.000
_cell.angle_beta   118.330
_cell.angle_gamma   90.000
#
_symmetry.space_group_name_H-M   'C 1 2 1'
#
loop_
_entity.id
_entity.type
_entity.pdbx_description
1 polymer 'Farnesyl pyrophosphate synthase'
2 non-polymer '[1-hydroxy-3-(pyridin-3-yl)propane-1,1-diyl]bis(phosphonic acid)'
3 non-polymer 'MAGNESIUM ION'
4 water water
#
_entity_poly.entity_id   1
_entity_poly.type   'polypeptide(L)'
_entity_poly.pdbx_seq_one_letter_code
;MGSSHHHHHHSSGLVPRGSHMASMPMQMFMQVYDEIQMFLLEELELKFDMDPNRVRYLRKMMDTTCLGGKYNRGLTVIDV
AESLLSLSPNNNGEEDDGARRKRVLHDACVCGWMIEFLQAHYLVEDDIMDNSVTRRGKPCWYRHPDVTVQCAINDGLLLK
SWTHMMAMHFFADRPFLQDLLCRFNRVDYTTAVGQLYDVTSMFDSNKLDPDVSQPTTTDFAEFTLSNYKRIVKYKTAYYT
YLLPLVMGLIVSEALPTVDMGVTEELAMLMGEYFQVQDDVMDCFTPPERLGKVGTDIQDAKCSWLAVTFLAKASSAQVAE
FKANYGSGDSEKVATVRRLYEEADLQGDYVAYEAAVAEQVKELIEKLRLCSPGFAASVETLWGKTYKRQK
;
_entity_poly.pdbx_strand_id   A,B
#
# COMPACT_ATOMS: atom_id res chain seq x y z
N MET A 24 7.12 29.28 -12.93
CA MET A 24 8.60 29.15 -12.78
C MET A 24 8.95 28.05 -11.77
N PRO A 25 8.34 28.11 -10.58
CA PRO A 25 8.22 26.94 -9.72
C PRO A 25 7.60 25.75 -10.44
N MET A 26 6.51 25.99 -11.17
CA MET A 26 5.84 24.94 -11.92
C MET A 26 6.77 24.37 -12.99
N GLN A 27 7.45 25.25 -13.71
CA GLN A 27 8.39 24.84 -14.74
C GLN A 27 9.44 23.91 -14.14
N MET A 28 10.03 24.33 -13.04
CA MET A 28 11.01 23.52 -12.32
C MET A 28 10.37 22.20 -11.85
N PHE A 29 9.15 22.28 -11.32
CA PHE A 29 8.49 21.12 -10.76
C PHE A 29 8.22 20.08 -11.83
N MET A 30 7.84 20.53 -13.02
CA MET A 30 7.45 19.64 -14.10
C MET A 30 8.68 19.03 -14.74
N GLN A 31 9.78 19.78 -14.73
CA GLN A 31 11.04 19.28 -15.26
C GLN A 31 11.60 18.15 -14.40
N VAL A 32 11.39 18.26 -13.08
CA VAL A 32 11.86 17.23 -12.16
C VAL A 32 10.98 15.99 -12.24
N TYR A 33 9.70 16.18 -12.55
CA TYR A 33 8.82 15.06 -12.83
C TYR A 33 9.39 14.17 -13.94
N ASP A 34 9.83 14.80 -15.01
CA ASP A 34 10.43 14.07 -16.13
C ASP A 34 11.67 13.32 -15.68
N GLU A 35 12.52 14.02 -14.93
CA GLU A 35 13.69 13.40 -14.33
C GLU A 35 13.30 12.16 -13.54
N ILE A 36 12.25 12.29 -12.72
CA ILE A 36 11.85 11.21 -11.83
C ILE A 36 11.21 10.06 -12.61
N GLN A 37 10.32 10.41 -13.53
CA GLN A 37 9.68 9.41 -14.38
C GLN A 37 10.72 8.63 -15.17
N MET A 38 11.79 9.31 -15.58
CA MET A 38 12.83 8.68 -16.39
C MET A 38 13.61 7.67 -15.56
N PHE A 39 14.03 8.09 -14.37
CA PHE A 39 14.71 7.18 -13.45
C PHE A 39 13.86 5.93 -13.24
N LEU A 40 12.59 6.13 -12.92
CA LEU A 40 11.75 5.04 -12.44
C LEU A 40 11.56 4.00 -13.53
N LEU A 41 11.32 4.46 -14.75
CA LEU A 41 11.04 3.58 -15.87
C LEU A 41 12.30 2.85 -16.32
N GLU A 42 13.44 3.53 -16.22
CA GLU A 42 14.72 2.92 -16.57
C GLU A 42 15.13 1.86 -15.55
N GLU A 43 14.88 2.15 -14.27
CA GLU A 43 15.10 1.15 -13.22
C GLU A 43 14.25 -0.09 -13.50
N LEU A 44 12.99 0.10 -13.84
CA LEU A 44 12.11 -1.01 -14.15
C LEU A 44 12.70 -1.88 -15.26
N GLU A 45 13.29 -1.25 -16.25
CA GLU A 45 13.84 -1.96 -17.40
C GLU A 45 15.17 -2.62 -17.05
N LEU A 46 16.02 -1.91 -16.32
CA LEU A 46 17.39 -2.34 -16.11
C LEU A 46 17.49 -3.32 -14.94
N LYS A 47 16.59 -3.18 -13.97
CA LYS A 47 16.75 -3.87 -12.69
C LYS A 47 15.57 -4.79 -12.41
N PHE A 48 14.52 -4.66 -13.21
CA PHE A 48 13.31 -5.47 -13.04
C PHE A 48 12.91 -6.14 -14.34
N ASP A 49 13.78 -6.04 -15.35
CA ASP A 49 13.70 -6.92 -16.51
C ASP A 49 12.44 -6.65 -17.32
N MET A 50 11.85 -5.47 -17.13
CA MET A 50 10.57 -5.17 -17.73
C MET A 50 10.71 -4.82 -19.21
N ASP A 51 9.63 -5.03 -19.96
CA ASP A 51 9.64 -4.88 -21.41
C ASP A 51 8.92 -3.59 -21.81
N PRO A 52 9.29 -3.03 -22.98
CA PRO A 52 8.74 -1.77 -23.46
C PRO A 52 7.22 -1.69 -23.31
N ASN A 53 6.53 -2.79 -23.58
CA ASN A 53 5.08 -2.81 -23.56
C ASN A 53 4.52 -2.48 -22.18
N ARG A 54 5.14 -3.07 -21.16
CA ARG A 54 4.64 -2.94 -19.80
C ARG A 54 5.17 -1.66 -19.17
N VAL A 55 6.42 -1.35 -19.44
CA VAL A 55 6.96 -0.03 -19.16
C VAL A 55 6.00 1.06 -19.65
N ARG A 56 5.49 0.87 -20.86
CA ARG A 56 4.65 1.89 -21.48
C ARG A 56 3.31 2.00 -20.76
N TYR A 57 2.75 0.86 -20.36
CA TYR A 57 1.54 0.84 -19.57
C TYR A 57 1.71 1.67 -18.31
N LEU A 58 2.85 1.51 -17.64
CA LEU A 58 3.08 2.13 -16.35
C LEU A 58 3.37 3.63 -16.50
N ARG A 59 3.98 4.00 -17.61
CA ARG A 59 4.18 5.40 -17.94
C ARG A 59 2.85 6.12 -18.06
N LYS A 60 1.89 5.49 -18.73
CA LYS A 60 0.58 6.08 -18.92
C LYS A 60 -0.18 6.11 -17.61
N MET A 61 0.04 5.08 -16.78
CA MET A 61 -0.56 5.05 -15.46
C MET A 61 -0.03 6.19 -14.61
N MET A 62 1.29 6.31 -14.53
CA MET A 62 1.91 7.46 -13.86
C MET A 62 1.27 8.76 -14.32
N ASP A 63 1.39 9.05 -15.62
CA ASP A 63 0.91 10.31 -16.17
C ASP A 63 -0.56 10.53 -15.82
N THR A 64 -1.39 9.54 -16.17
CA THR A 64 -2.82 9.66 -15.99
C THR A 64 -3.15 9.90 -14.52
N THR A 65 -2.37 9.28 -13.64
CA THR A 65 -2.72 9.19 -12.24
C THR A 65 -2.18 10.38 -11.46
N CYS A 66 -1.02 10.87 -11.87
CA CYS A 66 -0.24 11.79 -11.05
C CYS A 66 -0.34 13.22 -11.57
N LEU A 67 -0.72 13.37 -12.83
CA LEU A 67 -0.76 14.68 -13.48
C LEU A 67 -2.19 15.19 -13.61
N GLY A 68 -2.35 16.51 -13.60
CA GLY A 68 -3.60 17.13 -14.02
C GLY A 68 -4.32 17.82 -12.87
N GLY A 69 -3.83 17.60 -11.65
CA GLY A 69 -4.19 18.45 -10.52
C GLY A 69 -3.53 19.81 -10.59
N LYS A 70 -3.46 20.49 -9.45
CA LYS A 70 -2.83 21.80 -9.38
C LYS A 70 -1.51 21.74 -8.64
N TYR A 71 -1.17 20.56 -8.12
CA TYR A 71 0.13 20.31 -7.51
C TYR A 71 0.40 21.27 -6.36
N ASN A 72 -0.66 21.68 -5.67
CA ASN A 72 -0.55 22.62 -4.55
C ASN A 72 0.37 22.09 -3.45
N ARG A 73 0.33 20.78 -3.23
CA ARG A 73 1.08 20.17 -2.13
C ARG A 73 2.57 20.11 -2.46
N GLY A 74 2.89 19.68 -3.68
CA GLY A 74 4.25 19.78 -4.20
C GLY A 74 4.78 21.20 -4.12
N LEU A 75 4.01 22.14 -4.67
CA LEU A 75 4.49 23.50 -4.86
C LEU A 75 4.70 24.19 -3.52
N THR A 76 4.01 23.69 -2.49
CA THR A 76 4.19 24.21 -1.14
C THR A 76 5.57 23.89 -0.60
N VAL A 77 6.00 22.65 -0.79
CA VAL A 77 7.34 22.23 -0.40
C VAL A 77 8.39 23.14 -1.02
N ILE A 78 8.26 23.39 -2.32
CA ILE A 78 9.15 24.30 -3.01
C ILE A 78 9.17 25.65 -2.32
N ASP A 79 7.98 26.15 -1.96
CA ASP A 79 7.85 27.51 -1.44
C ASP A 79 8.44 27.64 -0.05
N VAL A 80 8.13 26.67 0.81
CA VAL A 80 8.73 26.63 2.13
C VAL A 80 10.25 26.72 2.03
N ALA A 81 10.82 25.98 1.08
CA ALA A 81 12.27 25.87 0.97
C ALA A 81 12.87 27.16 0.45
N GLU A 82 12.26 27.72 -0.60
CA GLU A 82 12.72 28.99 -1.16
C GLU A 82 12.57 30.12 -0.14
N SER A 83 11.53 30.04 0.68
CA SER A 83 11.33 31.01 1.74
C SER A 83 12.48 30.94 2.75
N LEU A 84 12.98 29.74 2.97
CA LEU A 84 13.92 29.49 4.06
C LEU A 84 15.36 29.77 3.63
N LEU A 85 15.61 29.71 2.33
CA LEU A 85 16.87 30.16 1.78
C LEU A 85 17.14 31.62 2.15
N ASP A 97 25.75 31.77 -3.01
CA ASP A 97 26.38 30.51 -3.42
C ASP A 97 25.34 29.57 -4.05
N GLY A 98 25.54 29.26 -5.33
CA GLY A 98 24.48 28.71 -6.16
C GLY A 98 24.18 27.26 -5.83
N ALA A 99 25.20 26.56 -5.35
CA ALA A 99 25.15 25.10 -5.27
C ALA A 99 24.12 24.64 -4.25
N ARG A 100 24.16 25.23 -3.05
CA ARG A 100 23.23 24.88 -1.99
C ARG A 100 21.80 25.19 -2.40
N ARG A 101 21.61 26.34 -3.06
CA ARG A 101 20.30 26.71 -3.58
C ARG A 101 19.79 25.65 -4.55
N LYS A 102 20.61 25.32 -5.55
CA LYS A 102 20.17 24.48 -6.65
C LYS A 102 19.74 23.10 -6.16
N ARG A 103 20.38 22.62 -5.10
CA ARG A 103 20.18 21.27 -4.64
C ARG A 103 19.08 21.20 -3.58
N VAL A 104 18.97 22.26 -2.79
CA VAL A 104 17.83 22.42 -1.88
C VAL A 104 16.52 22.47 -2.65
N LEU A 105 16.52 23.19 -3.77
CA LEU A 105 15.30 23.38 -4.56
C LEU A 105 14.94 22.09 -5.31
N HIS A 106 15.96 21.37 -5.76
CA HIS A 106 15.76 20.10 -6.42
C HIS A 106 15.21 19.04 -5.47
N ASP A 107 15.72 19.04 -4.24
CA ASP A 107 15.23 18.14 -3.20
C ASP A 107 13.77 18.46 -2.86
N ALA A 108 13.46 19.75 -2.75
CA ALA A 108 12.10 20.19 -2.52
C ALA A 108 11.16 19.61 -3.57
N CYS A 109 11.56 19.72 -4.82
CA CYS A 109 10.76 19.20 -5.93
C CYS A 109 10.52 17.70 -5.80
N VAL A 110 11.57 16.97 -5.45
CA VAL A 110 11.46 15.52 -5.31
C VAL A 110 10.56 15.16 -4.14
N CYS A 111 10.69 15.90 -3.05
CA CYS A 111 9.77 15.75 -1.92
C CYS A 111 8.35 16.10 -2.32
N GLY A 112 8.21 17.15 -3.12
CA GLY A 112 6.91 17.53 -3.68
C GLY A 112 6.23 16.35 -4.36
N TRP A 113 6.98 15.64 -5.19
CA TRP A 113 6.40 14.58 -6.01
C TRP A 113 6.14 13.33 -5.19
N MET A 114 6.87 13.17 -4.08
CA MET A 114 6.58 12.11 -3.13
C MET A 114 5.14 12.23 -2.64
N ILE A 115 4.72 13.46 -2.35
CA ILE A 115 3.39 13.71 -1.81
C ILE A 115 2.31 13.57 -2.86
N GLU A 116 2.57 14.13 -4.06
CA GLU A 116 1.65 13.98 -5.17
C GLU A 116 1.44 12.50 -5.51
N PHE A 117 2.53 11.74 -5.53
CA PHE A 117 2.45 10.31 -5.81
C PHE A 117 1.66 9.60 -4.72
N LEU A 118 1.84 10.04 -3.47
CA LEU A 118 1.16 9.42 -2.35
C LEU A 118 -0.33 9.71 -2.39
N GLN A 119 -0.68 10.95 -2.71
CA GLN A 119 -2.06 11.32 -2.96
C GLN A 119 -2.65 10.48 -4.09
N ALA A 120 -1.92 10.38 -5.19
CA ALA A 120 -2.36 9.60 -6.35
C ALA A 120 -2.63 8.16 -5.95
N HIS A 121 -1.76 7.60 -5.13
CA HIS A 121 -1.96 6.26 -4.60
C HIS A 121 -3.31 6.14 -3.93
N TYR A 122 -3.64 7.11 -3.08
CA TYR A 122 -4.82 7.01 -2.24
C TYR A 122 -6.09 7.27 -3.04
N LEU A 123 -6.00 8.17 -4.01
CA LEU A 123 -7.14 8.52 -4.84
C LEU A 123 -7.52 7.38 -5.77
N VAL A 124 -6.52 6.70 -6.34
CA VAL A 124 -6.78 5.52 -7.16
C VAL A 124 -7.54 4.46 -6.39
N GLU A 125 -7.08 4.16 -5.17
CA GLU A 125 -7.71 3.14 -4.35
C GLU A 125 -9.07 3.61 -3.84
N ASP A 126 -9.15 4.89 -3.52
CA ASP A 126 -10.41 5.48 -3.06
C ASP A 126 -11.49 5.40 -4.13
N ASP A 127 -11.13 5.71 -5.37
CA ASP A 127 -12.07 5.70 -6.48
C ASP A 127 -12.62 4.29 -6.72
N ILE A 128 -11.77 3.29 -6.53
CA ILE A 128 -12.22 1.90 -6.54
C ILE A 128 -13.12 1.62 -5.33
N MET A 129 -12.71 2.11 -4.17
CA MET A 129 -13.44 1.87 -2.94
C MET A 129 -14.84 2.46 -3.03
N ASP A 130 -14.95 3.60 -3.70
CA ASP A 130 -16.18 4.38 -3.70
C ASP A 130 -16.96 4.16 -4.98
N ASN A 131 -16.45 3.28 -5.83
CA ASN A 131 -17.10 2.96 -7.09
C ASN A 131 -17.41 4.22 -7.90
N SER A 132 -16.53 5.22 -7.77
CA SER A 132 -16.72 6.48 -8.46
C SER A 132 -16.51 6.32 -9.96
N VAL A 133 -16.82 7.36 -10.71
CA VAL A 133 -16.92 7.27 -12.17
C VAL A 133 -15.87 8.13 -12.84
N THR A 134 -15.77 9.38 -12.41
CA THR A 134 -14.79 10.30 -12.96
C THR A 134 -13.89 10.87 -11.86
N ARG A 135 -12.70 11.32 -12.24
CA ARG A 135 -11.92 12.22 -11.41
C ARG A 135 -11.17 13.23 -12.28
N ARG A 136 -11.36 14.51 -11.99
CA ARG A 136 -10.60 15.56 -12.64
C ARG A 136 -11.01 15.71 -14.10
N GLY A 137 -12.31 15.62 -14.35
CA GLY A 137 -12.82 15.47 -15.71
C GLY A 137 -12.79 14.03 -16.17
N LYS A 138 -11.63 13.40 -16.06
CA LYS A 138 -11.37 12.13 -16.74
C LYS A 138 -11.99 10.97 -15.98
N PRO A 139 -12.24 9.86 -16.69
CA PRO A 139 -12.56 8.58 -16.04
C PRO A 139 -11.56 8.19 -14.97
N CYS A 140 -12.05 7.68 -13.85
CA CYS A 140 -11.18 7.07 -12.85
C CYS A 140 -10.25 6.05 -13.50
N TRP A 141 -9.09 5.84 -12.90
CA TRP A 141 -8.09 4.94 -13.47
C TRP A 141 -8.71 3.59 -13.77
N TYR A 142 -9.31 2.96 -12.77
CA TYR A 142 -9.82 1.62 -12.89
C TYR A 142 -11.01 1.58 -13.85
N ARG A 143 -11.45 2.76 -14.28
CA ARG A 143 -12.62 2.88 -15.15
C ARG A 143 -12.21 2.88 -16.62
N HIS A 144 -10.91 3.02 -16.87
CA HIS A 144 -10.38 3.01 -18.22
C HIS A 144 -10.60 1.65 -18.87
N PRO A 145 -10.82 1.64 -20.20
CA PRO A 145 -11.29 0.46 -20.93
C PRO A 145 -10.37 -0.75 -20.78
N ASP A 146 -9.06 -0.51 -20.84
CA ASP A 146 -8.09 -1.60 -20.72
C ASP A 146 -7.40 -1.59 -19.37
N VAL A 147 -8.11 -1.13 -18.34
CA VAL A 147 -7.68 -1.32 -16.97
C VAL A 147 -8.74 -2.09 -16.19
N THR A 148 -8.32 -3.16 -15.54
CA THR A 148 -9.22 -3.93 -14.67
C THR A 148 -9.12 -3.44 -13.24
N VAL A 149 -10.18 -3.68 -12.46
CA VAL A 149 -10.11 -3.58 -11.01
C VAL A 149 -8.94 -4.38 -10.45
N GLN A 150 -8.74 -5.59 -11.00
CA GLN A 150 -7.66 -6.46 -10.56
C GLN A 150 -6.32 -5.75 -10.65
N CYS A 151 -6.04 -5.17 -11.81
CA CYS A 151 -4.75 -4.51 -12.05
C CYS A 151 -4.72 -3.14 -11.39
N ALA A 152 -5.89 -2.52 -11.27
CA ALA A 152 -5.99 -1.15 -10.80
C ALA A 152 -5.55 -1.04 -9.34
N ILE A 153 -6.03 -1.96 -8.51
CA ILE A 153 -5.68 -1.98 -7.11
C ILE A 153 -4.17 -2.04 -6.93
N ASN A 154 -3.52 -2.82 -7.78
CA ASN A 154 -2.08 -3.07 -7.65
C ASN A 154 -1.26 -1.95 -8.30
N ASP A 155 -1.78 -1.39 -9.37
CA ASP A 155 -1.29 -0.12 -9.90
C ASP A 155 -1.22 0.94 -8.80
N GLY A 156 -2.25 0.98 -7.96
CA GLY A 156 -2.26 1.88 -6.81
C GLY A 156 -1.09 1.66 -5.89
N LEU A 157 -0.80 0.39 -5.57
CA LEU A 157 0.31 0.05 -4.71
C LEU A 157 1.65 0.48 -5.33
N LEU A 158 1.79 0.28 -6.63
CA LEU A 158 2.99 0.68 -7.35
C LEU A 158 3.29 2.17 -7.09
N LEU A 159 2.23 2.97 -7.02
CA LEU A 159 2.39 4.42 -6.92
C LEU A 159 3.06 4.80 -5.61
N LYS A 160 2.61 4.16 -4.52
CA LYS A 160 3.18 4.43 -3.20
C LYS A 160 4.62 3.94 -3.11
N SER A 161 4.87 2.74 -3.63
CA SER A 161 6.22 2.20 -3.71
C SER A 161 7.16 3.16 -4.44
N TRP A 162 6.62 3.88 -5.41
CA TRP A 162 7.41 4.82 -6.19
C TRP A 162 7.89 6.00 -5.34
N THR A 163 7.13 6.33 -4.31
CA THR A 163 7.56 7.36 -3.35
C THR A 163 8.86 6.94 -2.69
N HIS A 164 8.92 5.68 -2.25
CA HIS A 164 10.11 5.16 -1.60
C HIS A 164 11.29 5.11 -2.57
N MET A 165 11.03 4.65 -3.79
CA MET A 165 12.10 4.40 -4.75
C MET A 165 12.78 5.72 -5.13
N MET A 166 11.99 6.78 -5.25
CA MET A 166 12.53 8.07 -5.68
C MET A 166 13.24 8.78 -4.53
N ALA A 167 12.73 8.61 -3.32
CA ALA A 167 13.45 9.05 -2.12
C ALA A 167 14.81 8.36 -2.03
N MET A 168 14.81 7.03 -2.09
CA MET A 168 16.02 6.26 -1.83
C MET A 168 17.10 6.53 -2.87
N HIS A 169 16.68 6.89 -4.08
CA HIS A 169 17.63 7.18 -5.15
C HIS A 169 18.20 8.58 -5.02
N PHE A 170 17.33 9.58 -5.02
CA PHE A 170 17.77 10.97 -5.05
C PHE A 170 18.36 11.42 -3.72
N PHE A 171 18.03 10.71 -2.65
CA PHE A 171 18.41 11.14 -1.30
C PHE A 171 19.34 10.14 -0.64
N ALA A 172 19.92 9.24 -1.44
CA ALA A 172 20.75 8.16 -0.91
C ALA A 172 21.85 8.72 -0.01
N ASP A 173 22.33 9.91 -0.33
CA ASP A 173 23.54 10.44 0.28
C ASP A 173 23.20 11.44 1.38
N ARG A 174 21.93 11.80 1.47
CA ARG A 174 21.51 12.87 2.37
C ARG A 174 21.43 12.36 3.80
N PRO A 175 21.90 13.17 4.76
CA PRO A 175 21.85 12.80 6.17
C PRO A 175 20.42 12.68 6.69
N PHE A 176 19.47 13.26 5.97
CA PHE A 176 18.11 13.37 6.46
C PHE A 176 17.20 12.26 5.92
N LEU A 177 17.78 11.33 5.17
CA LEU A 177 17.00 10.28 4.51
C LEU A 177 16.17 9.48 5.51
N GLN A 178 16.80 9.05 6.60
CA GLN A 178 16.14 8.19 7.58
C GLN A 178 14.96 8.92 8.21
N ASP A 179 15.18 10.17 8.61
CA ASP A 179 14.16 10.95 9.27
C ASP A 179 13.02 11.26 8.31
N LEU A 180 13.37 11.54 7.06
CA LEU A 180 12.36 11.75 6.02
C LEU A 180 11.48 10.51 5.85
N LEU A 181 12.11 9.35 5.77
CA LEU A 181 11.37 8.11 5.54
C LEU A 181 10.39 7.86 6.68
N CYS A 182 10.83 8.10 7.92
CA CYS A 182 10.03 7.79 9.08
C CYS A 182 8.82 8.72 9.18
N ARG A 183 9.07 10.02 9.01
CA ARG A 183 7.99 11.00 9.06
C ARG A 183 6.99 10.75 7.94
N PHE A 184 7.49 10.47 6.74
CA PHE A 184 6.65 10.13 5.61
C PHE A 184 5.80 8.88 5.89
N ASN A 185 6.44 7.86 6.43
CA ASN A 185 5.72 6.64 6.80
C ASN A 185 4.56 6.95 7.74
N ARG A 186 4.80 7.83 8.70
CA ARG A 186 3.81 8.13 9.73
C ARG A 186 2.59 8.79 9.13
N VAL A 187 2.81 9.70 8.19
CA VAL A 187 1.72 10.44 7.56
C VAL A 187 0.96 9.54 6.58
N ASP A 188 1.67 8.60 5.97
CA ASP A 188 1.06 7.56 5.15
C ASP A 188 0.11 6.70 5.99
N TYR A 189 0.63 6.18 7.10
CA TYR A 189 -0.19 5.49 8.08
C TYR A 189 -1.39 6.32 8.51
N THR A 190 -1.15 7.57 8.83
CA THR A 190 -2.17 8.45 9.37
C THR A 190 -3.33 8.57 8.40
N THR A 191 -3.01 8.74 7.11
CA THR A 191 -4.02 8.93 6.07
C THR A 191 -4.92 7.70 5.95
N ALA A 192 -4.32 6.51 5.97
CA ALA A 192 -5.08 5.27 5.90
C ALA A 192 -6.01 5.13 7.09
N VAL A 193 -5.57 5.63 8.24
CA VAL A 193 -6.42 5.63 9.43
C VAL A 193 -7.58 6.61 9.28
N GLY A 194 -7.30 7.76 8.66
CA GLY A 194 -8.36 8.65 8.20
C GLY A 194 -9.44 7.92 7.43
N GLN A 195 -9.02 7.08 6.49
CA GLN A 195 -9.96 6.42 5.59
C GLN A 195 -10.81 5.41 6.34
N LEU A 196 -10.21 4.75 7.33
CA LEU A 196 -10.95 3.87 8.22
C LEU A 196 -12.07 4.61 8.94
N TYR A 197 -11.77 5.83 9.41
CA TYR A 197 -12.76 6.65 10.10
C TYR A 197 -13.85 7.09 9.13
N ASP A 198 -13.47 7.46 7.92
CA ASP A 198 -14.44 7.82 6.89
C ASP A 198 -15.42 6.68 6.61
N VAL A 199 -14.87 5.47 6.43
CA VAL A 199 -15.64 4.36 5.90
C VAL A 199 -16.58 3.80 6.97
N THR A 200 -16.22 4.00 8.23
CA THR A 200 -17.01 3.49 9.34
C THR A 200 -17.80 4.61 10.00
N SER A 201 -18.24 5.57 9.18
CA SER A 201 -18.97 6.73 9.69
C SER A 201 -20.46 6.55 9.44
N MET A 202 -20.87 5.33 9.11
CA MET A 202 -22.12 5.10 8.41
C MET A 202 -23.17 4.51 9.35
N PHE A 203 -22.72 3.66 10.28
CA PHE A 203 -23.63 3.07 11.26
C PHE A 203 -22.98 2.94 12.63
N ASP A 204 -23.80 2.71 13.65
CA ASP A 204 -23.33 2.61 15.02
C ASP A 204 -22.10 1.73 15.09
N SER A 205 -21.00 2.27 15.62
CA SER A 205 -19.74 1.56 15.67
C SER A 205 -19.80 0.42 16.69
N ASN A 206 -20.79 0.47 17.57
CA ASN A 206 -21.04 -0.63 18.51
C ASN A 206 -21.38 -1.92 17.77
N LYS A 207 -21.87 -1.80 16.54
CA LYS A 207 -22.27 -2.96 15.76
C LYS A 207 -21.19 -3.36 14.77
N LEU A 208 -19.99 -2.79 14.94
CA LEU A 208 -18.84 -3.15 14.12
C LEU A 208 -18.34 -4.53 14.48
N ASP A 209 -18.37 -5.44 13.51
CA ASP A 209 -18.08 -6.84 13.76
C ASP A 209 -17.97 -7.59 12.44
N PRO A 210 -16.74 -7.97 12.06
CA PRO A 210 -16.49 -8.70 10.82
C PRO A 210 -17.34 -9.96 10.73
N ASP A 211 -17.67 -10.54 11.88
CA ASP A 211 -18.30 -11.85 11.92
C ASP A 211 -19.82 -11.72 11.99
N VAL A 212 -20.31 -10.50 11.79
CA VAL A 212 -21.76 -10.24 11.84
C VAL A 212 -22.18 -9.32 10.70
N SER A 213 -23.14 -9.78 9.90
CA SER A 213 -23.64 -9.00 8.77
C SER A 213 -23.88 -7.55 9.18
N GLN A 214 -23.75 -6.65 8.22
CA GLN A 214 -23.81 -5.22 8.51
C GLN A 214 -25.07 -4.61 7.92
N PRO A 215 -25.68 -3.65 8.65
CA PRO A 215 -26.87 -2.94 8.18
C PRO A 215 -26.77 -2.54 6.71
N THR A 218 -27.38 2.54 7.84
CA THR A 218 -27.36 3.89 7.28
C THR A 218 -27.84 4.91 8.31
N ASP A 219 -27.58 4.63 9.58
CA ASP A 219 -28.04 5.49 10.67
C ASP A 219 -27.04 6.61 10.93
N PHE A 220 -27.32 7.43 11.95
CA PHE A 220 -26.66 8.72 12.08
C PHE A 220 -25.91 8.80 13.41
N ALA A 221 -25.70 7.66 14.05
CA ALA A 221 -25.17 7.61 15.41
C ALA A 221 -23.72 8.10 15.46
N GLU A 222 -23.03 8.01 14.32
CA GLU A 222 -21.62 8.40 14.27
C GLU A 222 -21.48 9.84 13.80
N PHE A 223 -22.61 10.49 13.52
CA PHE A 223 -22.62 11.84 12.95
C PHE A 223 -22.51 12.88 14.07
N THR A 224 -21.35 12.91 14.73
CA THR A 224 -21.08 13.92 15.73
C THR A 224 -19.93 14.83 15.27
N LEU A 225 -19.79 15.99 15.89
CA LEU A 225 -18.73 16.92 15.54
C LEU A 225 -17.36 16.30 15.78
N SER A 226 -17.20 15.63 16.91
CA SER A 226 -15.90 15.09 17.29
C SER A 226 -15.46 14.03 16.29
N ASN A 227 -16.40 13.26 15.79
CA ASN A 227 -16.12 12.22 14.81
C ASN A 227 -15.80 12.81 13.43
N TYR A 228 -16.55 13.83 13.05
CA TYR A 228 -16.24 14.60 11.85
C TYR A 228 -14.81 15.15 11.92
N LYS A 229 -14.51 15.87 13.00
CA LYS A 229 -13.21 16.53 13.13
C LYS A 229 -12.11 15.50 12.95
N ARG A 230 -12.36 14.28 13.42
CA ARG A 230 -11.32 13.27 13.49
C ARG A 230 -11.05 12.65 12.13
N ILE A 231 -12.11 12.49 11.33
CA ILE A 231 -11.95 12.05 9.95
C ILE A 231 -11.07 13.03 9.18
N VAL A 232 -11.36 14.31 9.30
CA VAL A 232 -10.69 15.33 8.49
C VAL A 232 -9.25 15.52 8.96
N LYS A 233 -9.04 15.42 10.27
CA LYS A 233 -7.69 15.54 10.83
C LYS A 233 -6.75 14.55 10.16
N TYR A 234 -7.16 13.28 10.12
CA TYR A 234 -6.25 12.19 9.82
C TYR A 234 -6.28 11.82 8.34
N LYS A 235 -7.43 12.00 7.71
CA LYS A 235 -7.59 11.69 6.30
C LYS A 235 -6.84 12.70 5.43
N THR A 236 -6.81 13.95 5.88
CA THR A 236 -6.60 15.08 4.97
C THR A 236 -5.50 16.00 5.50
N ALA A 237 -5.64 16.42 6.75
CA ALA A 237 -4.89 17.56 7.26
C ALA A 237 -3.40 17.28 7.25
N TYR A 238 -3.03 16.06 7.63
CA TYR A 238 -1.63 15.74 7.90
C TYR A 238 -0.82 15.73 6.60
N TYR A 239 -1.34 15.08 5.58
CA TYR A 239 -0.60 14.93 4.34
C TYR A 239 -0.80 16.13 3.41
N THR A 240 -1.88 16.87 3.64
CA THR A 240 -2.20 18.02 2.80
C THR A 240 -1.51 19.29 3.30
N TYR A 241 -1.41 19.43 4.62
CA TYR A 241 -0.96 20.69 5.21
C TYR A 241 0.33 20.52 6.03
N LEU A 242 0.37 19.50 6.89
CA LEU A 242 1.53 19.28 7.74
C LEU A 242 2.74 18.84 6.92
N LEU A 243 2.54 17.84 6.07
CA LEU A 243 3.65 17.07 5.52
C LEU A 243 4.47 17.90 4.52
N PRO A 244 3.79 18.72 3.70
CA PRO A 244 4.50 19.66 2.81
C PRO A 244 5.36 20.64 3.60
N LEU A 245 4.81 21.19 4.68
CA LEU A 245 5.55 22.10 5.53
C LEU A 245 6.79 21.43 6.11
N VAL A 246 6.61 20.22 6.65
CA VAL A 246 7.68 19.50 7.31
C VAL A 246 8.80 19.16 6.34
N MET A 247 8.41 18.81 5.11
CA MET A 247 9.38 18.38 4.11
C MET A 247 10.21 19.55 3.61
N GLY A 248 9.57 20.72 3.51
CA GLY A 248 10.30 21.96 3.25
C GLY A 248 11.39 22.20 4.26
N LEU A 249 11.09 21.94 5.54
CA LEU A 249 12.04 22.17 6.61
C LEU A 249 13.21 21.17 6.54
N ILE A 250 12.88 19.92 6.25
CA ILE A 250 13.88 18.85 6.27
C ILE A 250 14.96 19.08 5.22
N VAL A 251 14.54 19.39 3.99
CA VAL A 251 15.47 19.60 2.89
C VAL A 251 16.16 20.96 3.01
N SER A 252 15.59 21.83 3.85
CA SER A 252 16.23 23.10 4.18
C SER A 252 17.15 22.96 5.38
N GLU A 253 17.08 21.81 6.05
CA GLU A 253 17.87 21.56 7.24
C GLU A 253 17.54 22.57 8.33
N ALA A 254 16.26 22.86 8.49
CA ALA A 254 15.82 23.96 9.32
C ALA A 254 14.89 23.47 10.43
N LEU A 255 14.69 22.15 10.49
CA LEU A 255 13.53 21.59 11.16
C LEU A 255 13.55 21.93 12.65
N PRO A 256 14.73 21.87 13.28
CA PRO A 256 14.87 22.21 14.70
C PRO A 256 14.55 23.68 14.97
N THR A 257 14.47 24.49 13.91
CA THR A 257 14.47 25.94 14.07
C THR A 257 13.07 26.45 14.39
N VAL A 258 12.08 25.56 14.33
CA VAL A 258 10.69 25.97 14.45
C VAL A 258 10.01 25.24 15.61
N ASP A 259 8.99 25.89 16.17
CA ASP A 259 8.12 25.24 17.14
C ASP A 259 7.17 24.27 16.44
N MET A 260 7.46 22.98 16.54
CA MET A 260 6.67 21.97 15.85
C MET A 260 5.25 21.91 16.42
N GLY A 261 5.13 22.15 17.73
CA GLY A 261 3.85 22.08 18.41
C GLY A 261 2.79 22.97 17.76
N VAL A 262 3.15 24.22 17.51
CA VAL A 262 2.21 25.18 16.93
C VAL A 262 2.09 24.94 15.43
N THR A 263 3.15 24.43 14.82
CA THR A 263 3.12 24.10 13.40
C THR A 263 2.07 23.03 13.12
N GLU A 264 2.03 22.01 13.96
CA GLU A 264 0.99 20.99 13.88
C GLU A 264 -0.39 21.60 14.13
N GLU A 265 -0.47 22.45 15.15
CA GLU A 265 -1.71 23.16 15.44
C GLU A 265 -2.22 23.89 14.20
N LEU A 266 -1.37 24.75 13.64
CA LEU A 266 -1.66 25.40 12.37
C LEU A 266 -2.24 24.39 11.37
N ALA A 267 -1.52 23.28 11.17
CA ALA A 267 -1.81 22.37 10.08
C ALA A 267 -3.18 21.73 10.27
N MET A 268 -3.51 21.42 11.52
CA MET A 268 -4.80 20.81 11.83
C MET A 268 -5.94 21.81 11.63
N LEU A 269 -5.71 23.05 12.03
CA LEU A 269 -6.72 24.10 11.92
C LEU A 269 -7.04 24.37 10.45
N MET A 270 -5.99 24.50 9.65
CA MET A 270 -6.15 24.79 8.23
C MET A 270 -6.78 23.61 7.52
N GLY A 271 -6.40 22.41 7.91
CA GLY A 271 -6.92 21.20 7.30
C GLY A 271 -8.40 21.02 7.55
N GLU A 272 -8.81 21.24 8.80
CA GLU A 272 -10.22 21.18 9.15
C GLU A 272 -11.02 22.24 8.39
N TYR A 273 -10.48 23.46 8.35
CA TYR A 273 -11.18 24.57 7.73
C TYR A 273 -11.41 24.32 6.24
N PHE A 274 -10.45 23.67 5.59
CA PHE A 274 -10.59 23.34 4.18
C PHE A 274 -11.90 22.61 3.92
N GLN A 275 -12.15 21.55 4.69
CA GLN A 275 -13.26 20.65 4.41
C GLN A 275 -14.60 21.25 4.83
N VAL A 276 -14.59 22.03 5.90
CA VAL A 276 -15.79 22.71 6.37
C VAL A 276 -16.28 23.71 5.33
N GLN A 277 -15.38 24.57 4.87
CA GLN A 277 -15.67 25.47 3.77
C GLN A 277 -16.23 24.72 2.56
N ASP A 278 -15.59 23.62 2.19
CA ASP A 278 -16.05 22.81 1.07
C ASP A 278 -17.46 22.28 1.32
N ASP A 279 -17.70 21.82 2.54
CA ASP A 279 -18.99 21.25 2.88
C ASP A 279 -20.08 22.30 2.75
N VAL A 280 -19.77 23.52 3.18
CA VAL A 280 -20.75 24.59 3.21
C VAL A 280 -21.02 25.11 1.79
N MET A 281 -19.97 25.13 0.98
CA MET A 281 -20.08 25.59 -0.40
C MET A 281 -20.82 24.57 -1.26
N ASP A 282 -20.65 23.30 -0.92
CA ASP A 282 -21.35 22.23 -1.63
C ASP A 282 -22.85 22.41 -1.56
N CYS A 283 -23.32 23.05 -0.49
CA CYS A 283 -24.74 23.19 -0.23
C CYS A 283 -25.25 24.54 -0.75
N PHE A 284 -24.49 25.60 -0.51
CA PHE A 284 -25.05 26.94 -0.42
C PHE A 284 -24.53 27.82 -1.54
N THR A 285 -23.50 27.35 -2.24
CA THR A 285 -22.96 28.06 -3.39
C THR A 285 -23.51 27.49 -4.70
N PRO A 286 -24.05 28.37 -5.55
CA PRO A 286 -24.70 27.98 -6.81
C PRO A 286 -23.71 27.38 -7.80
N PRO A 287 -24.15 26.35 -8.55
CA PRO A 287 -23.37 25.78 -9.65
C PRO A 287 -22.78 26.85 -10.56
N ARG A 289 -20.87 28.83 -10.39
CA ARG A 289 -19.95 29.56 -9.51
C ARG A 289 -19.30 28.62 -8.50
N LEU A 290 -19.87 27.42 -8.36
CA LEU A 290 -19.21 26.33 -7.64
C LEU A 290 -18.31 25.55 -8.57
N GLY A 291 -18.78 25.31 -9.80
CA GLY A 291 -18.05 24.50 -10.76
C GLY A 291 -18.62 23.10 -10.88
N LYS A 292 -19.60 22.79 -10.05
CA LYS A 292 -20.35 21.54 -10.17
C LYS A 292 -21.71 21.65 -9.49
N VAL A 293 -22.50 20.58 -9.58
CA VAL A 293 -23.60 20.36 -8.66
C VAL A 293 -23.13 19.59 -7.43
N GLY A 294 -23.38 20.17 -6.25
CA GLY A 294 -23.04 19.50 -4.99
C GLY A 294 -24.01 18.39 -4.65
N THR A 295 -23.48 17.29 -4.12
CA THR A 295 -24.24 16.06 -4.00
C THR A 295 -24.08 15.44 -2.61
N ASP A 296 -23.57 16.23 -1.67
CA ASP A 296 -23.21 15.71 -0.35
C ASP A 296 -24.44 15.15 0.37
N ILE A 297 -25.58 15.82 0.17
CA ILE A 297 -26.83 15.41 0.81
C ILE A 297 -27.33 14.10 0.24
N GLN A 298 -27.41 14.03 -1.09
CA GLN A 298 -27.80 12.80 -1.78
C GLN A 298 -26.87 11.64 -1.42
N ASP A 299 -25.59 11.95 -1.29
CA ASP A 299 -24.58 10.92 -1.05
C ASP A 299 -24.50 10.57 0.43
N ALA A 300 -25.33 11.22 1.24
CA ALA A 300 -25.49 10.86 2.64
C ALA A 300 -24.20 11.14 3.42
N LYS A 301 -23.60 12.29 3.16
CA LYS A 301 -22.27 12.58 3.64
C LYS A 301 -22.28 12.94 5.12
N CYS A 302 -21.27 12.48 5.85
CA CYS A 302 -20.97 13.03 7.17
C CYS A 302 -20.26 14.37 7.04
N SER A 303 -21.01 15.39 6.63
CA SER A 303 -20.45 16.71 6.38
C SER A 303 -20.51 17.57 7.64
N TRP A 304 -19.89 18.75 7.57
CA TRP A 304 -19.97 19.69 8.67
C TRP A 304 -21.41 20.13 8.89
N LEU A 305 -22.11 20.41 7.80
CA LEU A 305 -23.51 20.82 7.87
C LEU A 305 -24.32 19.78 8.64
N ALA A 306 -24.16 18.51 8.27
CA ALA A 306 -24.99 17.44 8.80
C ALA A 306 -24.79 17.31 10.32
N VAL A 307 -23.54 17.27 10.76
CA VAL A 307 -23.24 17.01 12.17
C VAL A 307 -23.55 18.24 13.02
N THR A 308 -23.31 19.43 12.46
CA THR A 308 -23.62 20.67 13.16
C THR A 308 -25.13 20.85 13.28
N PHE A 309 -25.86 20.55 12.21
CA PHE A 309 -27.31 20.55 12.25
C PHE A 309 -27.82 19.59 13.31
N LEU A 310 -27.30 18.37 13.31
CA LEU A 310 -27.82 17.31 14.15
C LEU A 310 -27.69 17.66 15.62
N ALA A 311 -26.66 18.44 15.96
CA ALA A 311 -26.32 18.70 17.35
C ALA A 311 -27.22 19.79 17.93
N LYS A 312 -27.80 20.62 17.06
CA LYS A 312 -28.49 21.83 17.49
C LYS A 312 -29.99 21.74 17.19
N ALA A 313 -30.39 20.77 16.37
CA ALA A 313 -31.72 20.76 15.80
C ALA A 313 -32.74 20.25 16.81
N SER A 314 -34.00 20.62 16.63
CA SER A 314 -35.10 20.10 17.45
C SER A 314 -35.43 18.67 17.05
N SER A 315 -36.10 17.96 17.94
CA SER A 315 -36.50 16.57 17.68
C SER A 315 -37.34 16.48 16.40
N ALA A 316 -38.18 17.46 16.18
CA ALA A 316 -39.01 17.51 14.97
C ALA A 316 -38.14 17.69 13.73
N GLN A 317 -37.25 18.67 13.78
CA GLN A 317 -36.35 18.95 12.66
C GLN A 317 -35.48 17.75 12.34
N VAL A 318 -34.89 17.15 13.37
CA VAL A 318 -34.06 15.96 13.20
C VAL A 318 -34.81 14.85 12.48
N ALA A 319 -36.07 14.65 12.84
CA ALA A 319 -36.86 13.57 12.27
C ALA A 319 -37.12 13.84 10.79
N GLU A 320 -37.49 15.07 10.48
CA GLU A 320 -37.60 15.52 9.09
C GLU A 320 -36.32 15.24 8.33
N PHE A 321 -35.19 15.48 8.99
CA PHE A 321 -33.88 15.29 8.36
C PHE A 321 -33.65 13.82 8.05
N LYS A 322 -33.79 12.98 9.08
CA LYS A 322 -33.58 11.54 8.91
C LYS A 322 -34.47 10.98 7.81
N ALA A 323 -35.55 11.68 7.50
CA ALA A 323 -36.58 11.16 6.60
C ALA A 323 -36.27 11.55 5.16
N ASN A 324 -35.36 12.50 4.98
CA ASN A 324 -35.19 13.15 3.69
C ASN A 324 -33.73 13.17 3.25
N TYR A 325 -32.84 12.76 4.15
CA TYR A 325 -31.40 12.80 3.88
C TYR A 325 -30.95 11.55 3.14
N GLY A 326 -30.04 11.72 2.20
CA GLY A 326 -29.36 10.59 1.57
C GLY A 326 -30.19 9.97 0.47
N SER A 327 -30.87 10.81 -0.30
CA SER A 327 -31.75 10.33 -1.36
C SER A 327 -31.67 11.25 -2.58
N GLY A 328 -31.72 10.65 -3.77
CA GLY A 328 -31.59 11.40 -5.01
C GLY A 328 -32.78 12.30 -5.27
N ASP A 329 -33.91 11.99 -4.60
CA ASP A 329 -35.18 12.59 -4.96
C ASP A 329 -35.17 14.10 -4.71
N SER A 330 -35.57 14.85 -5.71
CA SER A 330 -35.22 16.27 -5.81
C SER A 330 -35.87 17.07 -4.67
N GLU A 331 -37.03 16.60 -4.21
CA GLU A 331 -37.76 17.29 -3.16
C GLU A 331 -37.13 17.02 -1.80
N LYS A 332 -36.75 15.77 -1.56
CA LYS A 332 -36.07 15.39 -0.33
C LYS A 332 -34.81 16.22 -0.12
N VAL A 333 -34.08 16.46 -1.20
CA VAL A 333 -32.88 17.28 -1.15
C VAL A 333 -33.22 18.70 -0.73
N ALA A 334 -34.25 19.25 -1.37
CA ALA A 334 -34.65 20.63 -1.12
C ALA A 334 -35.13 20.81 0.32
N THR A 335 -35.70 19.75 0.88
CA THR A 335 -36.13 19.74 2.27
C THR A 335 -34.94 19.93 3.21
N VAL A 336 -33.85 19.23 2.91
CA VAL A 336 -32.65 19.29 3.75
C VAL A 336 -32.00 20.67 3.64
N ARG A 337 -31.96 21.20 2.42
CA ARG A 337 -31.48 22.57 2.20
C ARG A 337 -32.30 23.56 3.01
N ARG A 338 -33.61 23.35 3.06
CA ARG A 338 -34.49 24.19 3.84
C ARG A 338 -34.15 24.09 5.33
N LEU A 339 -34.01 22.87 5.82
CA LEU A 339 -33.70 22.63 7.23
C LEU A 339 -32.39 23.31 7.62
N TYR A 340 -31.37 23.17 6.78
CA TYR A 340 -30.09 23.81 7.01
C TYR A 340 -30.27 25.33 7.08
N GLU A 341 -31.06 25.87 6.17
CA GLU A 341 -31.28 27.31 6.09
C GLU A 341 -31.93 27.83 7.37
N GLU A 342 -32.88 27.06 7.90
CA GLU A 342 -33.71 27.52 9.00
C GLU A 342 -33.01 27.33 10.34
N ALA A 343 -31.93 26.54 10.34
CA ALA A 343 -31.08 26.42 11.52
C ALA A 343 -29.89 27.38 11.42
N ASP A 344 -29.86 28.16 10.36
CA ASP A 344 -28.82 29.18 10.18
C ASP A 344 -27.43 28.59 10.33
N LEU A 345 -27.17 27.52 9.58
CA LEU A 345 -25.84 26.93 9.54
C LEU A 345 -24.86 27.85 8.82
N GLN A 346 -25.36 28.66 7.90
CA GLN A 346 -24.55 29.68 7.25
C GLN A 346 -24.05 30.69 8.27
N GLY A 347 -24.93 31.11 9.17
CA GLY A 347 -24.52 31.94 10.30
C GLY A 347 -23.49 31.25 11.17
N ASP A 348 -23.68 29.96 11.39
CA ASP A 348 -22.77 29.17 12.20
C ASP A 348 -21.40 29.08 11.54
N TYR A 349 -21.39 28.85 10.24
CA TYR A 349 -20.13 28.81 9.49
C TYR A 349 -19.37 30.12 9.61
N VAL A 350 -20.08 31.23 9.40
CA VAL A 350 -19.46 32.55 9.40
C VAL A 350 -18.76 32.80 10.72
N ALA A 351 -19.39 32.38 11.81
CA ALA A 351 -18.80 32.49 13.14
C ALA A 351 -17.60 31.56 13.27
N TYR A 352 -17.73 30.37 12.71
CA TYR A 352 -16.67 29.37 12.78
C TYR A 352 -15.44 29.84 12.00
N GLU A 353 -15.67 30.31 10.78
CA GLU A 353 -14.60 30.83 9.93
C GLU A 353 -13.84 31.94 10.64
N ALA A 354 -14.58 32.87 11.24
CA ALA A 354 -13.98 34.02 11.90
C ALA A 354 -13.11 33.58 13.07
N ALA A 355 -13.59 32.59 13.82
CA ALA A 355 -12.84 32.07 14.96
C ALA A 355 -11.55 31.40 14.50
N VAL A 356 -11.65 30.60 13.44
CA VAL A 356 -10.50 29.90 12.90
C VAL A 356 -9.45 30.89 12.40
N ALA A 357 -9.92 31.91 11.68
CA ALA A 357 -9.01 32.89 11.09
C ALA A 357 -8.20 33.61 12.16
N GLU A 358 -8.80 33.81 13.33
CA GLU A 358 -8.15 34.52 14.42
C GLU A 358 -7.11 33.63 15.10
N GLN A 359 -7.50 32.41 15.45
CA GLN A 359 -6.56 31.44 16.01
C GLN A 359 -5.35 31.28 15.10
N VAL A 360 -5.60 31.21 13.80
CA VAL A 360 -4.53 30.99 12.83
C VAL A 360 -3.52 32.14 12.85
N LYS A 361 -4.03 33.36 12.90
CA LYS A 361 -3.17 34.55 12.84
C LYS A 361 -2.29 34.62 14.09
N GLU A 362 -2.89 34.34 15.25
CA GLU A 362 -2.14 34.29 16.50
C GLU A 362 -0.96 33.33 16.39
N LEU A 363 -1.23 32.14 15.87
CA LEU A 363 -0.23 31.07 15.84
C LEU A 363 0.86 31.41 14.83
N ILE A 364 0.46 31.92 13.67
CA ILE A 364 1.42 32.38 12.67
C ILE A 364 2.36 33.42 13.26
N GLU A 365 1.83 34.31 14.10
CA GLU A 365 2.63 35.35 14.73
C GLU A 365 3.61 34.74 15.73
N LYS A 366 3.12 33.85 16.58
CA LYS A 366 3.98 33.01 17.41
C LYS A 366 5.13 32.45 16.58
N LEU A 367 4.80 31.91 15.42
CA LEU A 367 5.81 31.37 14.51
C LEU A 367 6.77 32.46 14.05
N ARG A 368 6.22 33.58 13.60
CA ARG A 368 7.01 34.60 12.90
C ARG A 368 8.09 35.16 13.80
N LEU A 369 7.85 35.13 15.11
CA LEU A 369 8.78 35.70 16.08
C LEU A 369 10.13 34.99 16.01
N CYS A 370 10.10 33.66 15.87
CA CYS A 370 11.32 32.86 15.86
C CYS A 370 11.72 32.50 14.44
N SER A 371 10.71 32.37 13.57
CA SER A 371 10.87 31.65 12.31
C SER A 371 10.18 32.40 11.18
N PRO A 372 10.63 33.63 10.91
CA PRO A 372 9.93 34.54 9.99
C PRO A 372 9.80 33.97 8.58
N GLY A 373 10.87 33.36 8.07
CA GLY A 373 10.82 32.69 6.79
C GLY A 373 9.71 31.64 6.74
N PHE A 374 9.72 30.75 7.72
CA PHE A 374 8.75 29.66 7.78
C PHE A 374 7.33 30.20 7.95
N ALA A 375 7.15 31.10 8.91
CA ALA A 375 5.85 31.69 9.16
C ALA A 375 5.26 32.28 7.87
N ALA A 376 6.10 33.00 7.12
CA ALA A 376 5.64 33.65 5.89
C ALA A 376 5.01 32.63 4.95
N SER A 377 5.64 31.46 4.83
CA SER A 377 5.20 30.45 3.88
C SER A 377 3.94 29.74 4.37
N VAL A 378 3.82 29.62 5.69
CA VAL A 378 2.55 29.19 6.29
C VAL A 378 1.43 30.16 5.96
N GLU A 379 1.72 31.45 6.06
CA GLU A 379 0.78 32.49 5.66
C GLU A 379 0.33 32.30 4.21
N THR A 380 1.29 32.03 3.34
CA THR A 380 1.00 31.83 1.92
C THR A 380 0.07 30.64 1.70
N LEU A 381 0.34 29.54 2.39
CA LEU A 381 -0.49 28.35 2.31
C LEU A 381 -1.89 28.64 2.82
N TRP A 382 -1.98 29.42 3.89
CA TRP A 382 -3.26 29.77 4.49
C TRP A 382 -4.09 30.62 3.53
N GLY A 383 -3.41 31.34 2.64
CA GLY A 383 -4.08 32.28 1.74
C GLY A 383 -4.70 31.60 0.53
N LYS A 384 -4.15 30.44 0.16
CA LYS A 384 -4.72 29.64 -0.92
C LYS A 384 -5.86 28.76 -0.41
N THR A 385 -6.18 28.92 0.87
CA THR A 385 -7.28 28.17 1.48
C THR A 385 -8.40 29.12 1.91
N TYR A 386 -8.01 30.24 2.51
CA TYR A 386 -8.95 31.11 3.23
C TYR A 386 -9.91 31.79 2.26
N LYS A 387 -11.21 31.58 2.46
CA LYS A 387 -12.23 32.23 1.66
C LYS A 387 -11.93 32.12 0.17
N ARG A 388 -12.15 30.93 -0.39
CA ARG A 388 -11.86 30.68 -1.80
C ARG A 388 -13.08 31.01 -2.66
N MET B 24 9.56 -23.89 20.12
CA MET B 24 10.21 -22.94 21.07
C MET B 24 10.49 -21.60 20.41
N PRO B 25 11.14 -21.63 19.24
CA PRO B 25 11.08 -20.53 18.29
C PRO B 25 9.65 -20.00 18.13
N MET B 26 8.71 -20.91 17.88
CA MET B 26 7.32 -20.53 17.70
C MET B 26 6.74 -19.89 18.96
N GLN B 27 7.13 -20.43 20.12
CA GLN B 27 6.72 -19.85 21.39
C GLN B 27 7.14 -18.40 21.48
N MET B 28 8.43 -18.16 21.25
CA MET B 28 8.98 -16.81 21.27
C MET B 28 8.29 -15.94 20.23
N PHE B 29 8.12 -16.49 19.03
CA PHE B 29 7.56 -15.72 17.91
C PHE B 29 6.16 -15.21 18.27
N MET B 30 5.36 -16.07 18.88
CA MET B 30 3.99 -15.73 19.20
C MET B 30 3.94 -14.74 20.36
N GLN B 31 4.88 -14.87 21.29
CA GLN B 31 4.98 -13.93 22.40
C GLN B 31 5.19 -12.51 21.88
N VAL B 32 6.03 -12.39 20.86
CA VAL B 32 6.40 -11.07 20.33
C VAL B 32 5.26 -10.48 19.51
N TYR B 33 4.49 -11.35 18.86
CA TYR B 33 3.28 -10.91 18.17
C TYR B 33 2.37 -10.14 19.12
N ASP B 34 2.15 -10.69 20.31
CA ASP B 34 1.30 -10.05 21.30
C ASP B 34 1.87 -8.70 21.71
N GLU B 35 3.16 -8.68 21.99
CA GLU B 35 3.88 -7.44 22.24
C GLU B 35 3.63 -6.45 21.11
N ILE B 36 3.82 -6.88 19.88
CA ILE B 36 3.64 -6.00 18.73
C ILE B 36 2.19 -5.56 18.62
N GLN B 37 1.27 -6.51 18.71
CA GLN B 37 -0.15 -6.20 18.60
C GLN B 37 -0.54 -5.16 19.66
N MET B 38 0.06 -5.28 20.84
CA MET B 38 -0.31 -4.42 21.97
C MET B 38 0.19 -3.00 21.74
N PHE B 39 1.42 -2.88 21.28
CA PHE B 39 1.97 -1.57 20.94
C PHE B 39 1.09 -0.89 19.90
N LEU B 40 0.75 -1.63 18.85
CA LEU B 40 0.06 -1.04 17.71
C LEU B 40 -1.31 -0.52 18.15
N LEU B 41 -2.05 -1.35 18.86
CA LEU B 41 -3.42 -1.02 19.27
C LEU B 41 -3.41 0.16 20.24
N GLU B 42 -2.41 0.20 21.11
CA GLU B 42 -2.29 1.28 22.10
C GLU B 42 -1.86 2.58 21.45
N GLU B 43 -1.01 2.48 20.42
CA GLU B 43 -0.61 3.66 19.65
C GLU B 43 -1.81 4.29 18.96
N LEU B 44 -2.66 3.46 18.39
CA LEU B 44 -3.87 3.93 17.74
C LEU B 44 -4.77 4.68 18.73
N GLU B 45 -4.84 4.17 19.95
CA GLU B 45 -5.68 4.75 20.98
C GLU B 45 -5.11 6.08 21.46
N LEU B 46 -3.80 6.10 21.72
CA LEU B 46 -3.19 7.21 22.42
C LEU B 46 -2.84 8.35 21.47
N LYS B 47 -2.50 8.00 20.23
CA LYS B 47 -1.91 8.96 19.30
C LYS B 47 -2.80 9.17 18.08
N PHE B 48 -3.87 8.40 17.98
CA PHE B 48 -4.76 8.44 16.83
C PHE B 48 -6.22 8.50 17.25
N ASP B 49 -6.45 8.63 18.56
CA ASP B 49 -7.74 9.09 19.06
C ASP B 49 -8.80 8.02 18.89
N MET B 50 -8.38 6.78 18.66
CA MET B 50 -9.30 5.74 18.22
C MET B 50 -10.06 5.16 19.40
N ASP B 51 -11.29 4.71 19.14
CA ASP B 51 -12.19 4.22 20.18
C ASP B 51 -12.12 2.71 20.26
N PRO B 52 -12.47 2.15 21.43
CA PRO B 52 -12.47 0.71 21.65
C PRO B 52 -13.15 -0.07 20.53
N ASN B 53 -14.25 0.46 20.02
CA ASN B 53 -15.02 -0.23 18.99
C ASN B 53 -14.18 -0.51 17.74
N ARG B 54 -13.37 0.49 17.36
CA ARG B 54 -12.66 0.43 16.09
C ARG B 54 -11.28 -0.21 16.29
N VAL B 55 -10.69 0.03 17.45
CA VAL B 55 -9.56 -0.76 17.91
C VAL B 55 -9.87 -2.25 17.81
N ARG B 56 -11.04 -2.64 18.31
CA ARG B 56 -11.41 -4.05 18.36
C ARG B 56 -11.56 -4.63 16.96
N TYR B 57 -12.16 -3.86 16.06
CA TYR B 57 -12.27 -4.25 14.67
C TYR B 57 -10.89 -4.54 14.07
N LEU B 58 -9.92 -3.69 14.40
CA LEU B 58 -8.59 -3.80 13.80
C LEU B 58 -7.80 -4.95 14.41
N ARG B 59 -8.03 -5.21 15.70
CA ARG B 59 -7.46 -6.38 16.36
C ARG B 59 -7.92 -7.65 15.66
N LYS B 60 -9.21 -7.72 15.35
CA LYS B 60 -9.76 -8.89 14.68
C LYS B 60 -9.22 -9.01 13.26
N MET B 61 -9.04 -7.87 12.61
CA MET B 61 -8.45 -7.84 11.28
C MET B 61 -7.01 -8.37 11.33
N MET B 62 -6.21 -7.80 12.22
CA MET B 62 -4.85 -8.28 12.43
C MET B 62 -4.85 -9.80 12.62
N ASP B 63 -5.68 -10.27 13.54
CA ASP B 63 -5.66 -11.68 13.93
C ASP B 63 -6.08 -12.55 12.75
N THR B 64 -7.27 -12.28 12.21
CA THR B 64 -7.81 -13.06 11.11
C THR B 64 -6.81 -13.12 9.98
N THR B 65 -5.98 -12.09 9.88
CA THR B 65 -5.35 -11.73 8.63
C THR B 65 -3.88 -12.14 8.66
N CYS B 66 -3.30 -12.15 9.87
CA CYS B 66 -1.87 -12.35 10.04
C CYS B 66 -1.57 -13.70 10.68
N LEU B 67 -2.60 -14.35 11.22
CA LEU B 67 -2.42 -15.60 11.95
C LEU B 67 -3.07 -16.77 11.21
N GLY B 68 -2.51 -17.96 11.38
CA GLY B 68 -3.13 -19.17 10.86
C GLY B 68 -2.25 -19.92 9.88
N GLY B 69 -1.34 -19.20 9.24
CA GLY B 69 -0.29 -19.82 8.43
C GLY B 69 0.73 -20.57 9.28
N LYS B 70 1.87 -20.89 8.68
CA LYS B 70 2.90 -21.66 9.37
C LYS B 70 4.08 -20.77 9.75
N TYR B 71 4.06 -19.53 9.29
CA TYR B 71 5.02 -18.53 9.74
C TYR B 71 6.44 -18.90 9.31
N ASN B 72 6.56 -19.59 8.19
CA ASN B 72 7.87 -20.01 7.69
C ASN B 72 8.80 -18.81 7.48
N ARG B 73 8.25 -17.71 6.99
CA ARG B 73 9.03 -16.53 6.68
C ARG B 73 9.62 -15.92 7.96
N GLY B 74 8.76 -15.67 8.93
CA GLY B 74 9.21 -15.19 10.24
C GLY B 74 10.24 -16.11 10.87
N LEU B 75 9.94 -17.41 10.88
CA LEU B 75 10.74 -18.37 11.63
C LEU B 75 12.12 -18.54 11.00
N THR B 76 12.22 -18.26 9.71
CA THR B 76 13.51 -18.31 9.02
C THR B 76 14.43 -17.21 9.54
N VAL B 77 13.88 -16.01 9.72
CA VAL B 77 14.64 -14.89 10.24
C VAL B 77 15.24 -15.25 11.60
N ILE B 78 14.41 -15.78 12.47
CA ILE B 78 14.89 -16.27 13.77
C ILE B 78 16.04 -17.25 13.59
N ASP B 79 15.86 -18.21 12.70
CA ASP B 79 16.83 -19.29 12.55
C ASP B 79 18.17 -18.78 12.04
N VAL B 80 18.14 -17.96 11.00
CA VAL B 80 19.34 -17.31 10.50
C VAL B 80 20.08 -16.63 11.65
N ALA B 81 19.33 -15.97 12.53
CA ALA B 81 19.93 -15.16 13.58
C ALA B 81 20.55 -16.04 14.67
N GLU B 82 19.80 -17.05 15.11
CA GLU B 82 20.32 -18.03 16.05
C GLU B 82 21.57 -18.72 15.49
N SER B 83 21.54 -19.04 14.20
CA SER B 83 22.62 -19.78 13.57
C SER B 83 23.89 -18.94 13.52
N LEU B 84 23.73 -17.62 13.54
CA LEU B 84 24.85 -16.70 13.36
C LEU B 84 25.41 -16.26 14.71
N LEU B 85 24.64 -16.49 15.77
CA LEU B 85 25.17 -16.41 17.13
C LEU B 85 26.24 -17.47 17.36
N SER B 86 27.51 -17.06 17.22
CA SER B 86 28.60 -18.00 17.02
C SER B 86 29.91 -17.28 16.74
N ASP B 97 27.84 -11.92 27.65
CA ASP B 97 26.56 -11.70 28.32
C ASP B 97 25.40 -12.22 27.47
N GLY B 98 24.27 -12.48 28.13
CA GLY B 98 23.08 -12.95 27.44
C GLY B 98 22.35 -11.84 26.71
N ALA B 99 22.75 -10.60 26.98
CA ALA B 99 22.00 -9.44 26.53
C ALA B 99 21.94 -9.39 25.01
N ARG B 100 23.10 -9.47 24.37
CA ARG B 100 23.19 -9.44 22.92
C ARG B 100 22.32 -10.52 22.31
N ARG B 101 22.40 -11.73 22.85
CA ARG B 101 21.54 -12.83 22.44
C ARG B 101 20.07 -12.41 22.49
N LYS B 102 19.64 -11.94 23.65
CA LYS B 102 18.22 -11.73 23.91
C LYS B 102 17.64 -10.69 22.94
N ARG B 103 18.45 -9.69 22.61
CA ARG B 103 17.96 -8.56 21.80
C ARG B 103 18.07 -8.89 20.31
N VAL B 104 19.10 -9.63 19.93
CA VAL B 104 19.24 -10.09 18.56
C VAL B 104 18.08 -10.99 18.15
N LEU B 105 17.67 -11.88 19.06
CA LEU B 105 16.58 -12.82 18.78
C LEU B 105 15.25 -12.08 18.76
N HIS B 106 15.11 -11.06 19.61
CA HIS B 106 13.90 -10.29 19.67
C HIS B 106 13.75 -9.42 18.42
N ASP B 107 14.86 -8.86 17.95
CA ASP B 107 14.89 -8.13 16.69
C ASP B 107 14.51 -9.04 15.53
N ALA B 108 15.01 -10.28 15.55
CA ALA B 108 14.67 -11.26 14.53
C ALA B 108 13.16 -11.48 14.49
N CYS B 109 12.57 -11.66 15.66
CA CYS B 109 11.13 -11.87 15.76
C CYS B 109 10.35 -10.69 15.16
N VAL B 110 10.80 -9.48 15.46
CA VAL B 110 10.12 -8.28 14.96
C VAL B 110 10.25 -8.18 13.44
N CYS B 111 11.43 -8.50 12.93
CA CYS B 111 11.64 -8.59 11.48
C CYS B 111 10.81 -9.71 10.88
N GLY B 112 10.74 -10.84 11.57
CA GLY B 112 9.85 -11.92 11.17
C GLY B 112 8.44 -11.42 10.90
N TRP B 113 7.91 -10.62 11.83
CA TRP B 113 6.51 -10.23 11.75
C TRP B 113 6.31 -9.13 10.72
N MET B 114 7.35 -8.35 10.47
CA MET B 114 7.31 -7.39 9.36
C MET B 114 6.97 -8.13 8.07
N ILE B 115 7.61 -9.28 7.86
CA ILE B 115 7.43 -10.04 6.63
C ILE B 115 6.05 -10.70 6.59
N GLU B 116 5.65 -11.32 7.69
CA GLU B 116 4.32 -11.92 7.79
C GLU B 116 3.25 -10.87 7.53
N PHE B 117 3.44 -9.67 8.06
CA PHE B 117 2.48 -8.60 7.89
C PHE B 117 2.47 -8.10 6.45
N LEU B 118 3.64 -8.08 5.82
CA LEU B 118 3.74 -7.69 4.42
C LEU B 118 3.01 -8.69 3.53
N GLN B 119 3.22 -9.97 3.79
CA GLN B 119 2.49 -11.03 3.11
C GLN B 119 0.98 -10.85 3.29
N ALA B 120 0.55 -10.74 4.54
CA ALA B 120 -0.87 -10.57 4.83
C ALA B 120 -1.44 -9.38 4.06
N HIS B 121 -0.65 -8.32 3.94
CA HIS B 121 -1.05 -7.15 3.17
C HIS B 121 -1.38 -7.54 1.74
N TYR B 122 -0.47 -8.29 1.11
CA TYR B 122 -0.60 -8.60 -0.31
C TYR B 122 -1.70 -9.63 -0.55
N LEU B 123 -1.85 -10.56 0.38
CA LEU B 123 -2.84 -11.63 0.26
C LEU B 123 -4.26 -11.09 0.40
N VAL B 124 -4.44 -10.12 1.29
CA VAL B 124 -5.73 -9.45 1.42
C VAL B 124 -6.12 -8.75 0.12
N GLU B 125 -5.19 -8.00 -0.46
CA GLU B 125 -5.46 -7.28 -1.70
C GLU B 125 -5.60 -8.24 -2.86
N ASP B 126 -4.83 -9.32 -2.84
CA ASP B 126 -4.85 -10.31 -3.91
C ASP B 126 -6.19 -11.04 -3.94
N ASP B 127 -6.70 -11.40 -2.77
CA ASP B 127 -7.96 -12.12 -2.68
C ASP B 127 -9.10 -11.28 -3.24
N ILE B 128 -9.03 -9.98 -3.04
CA ILE B 128 -9.98 -9.05 -3.64
C ILE B 128 -9.77 -8.96 -5.15
N MET B 129 -8.51 -8.83 -5.54
CA MET B 129 -8.17 -8.77 -6.96
C MET B 129 -8.67 -9.99 -7.70
N ASP B 130 -8.67 -11.13 -7.01
CA ASP B 130 -8.90 -12.42 -7.65
C ASP B 130 -10.29 -12.94 -7.33
N ASN B 131 -11.09 -12.09 -6.69
CA ASN B 131 -12.44 -12.47 -6.29
C ASN B 131 -12.47 -13.88 -5.71
N SER B 132 -11.43 -14.24 -4.97
CA SER B 132 -11.37 -15.54 -4.32
C SER B 132 -12.42 -15.65 -3.22
N VAL B 133 -12.52 -16.83 -2.62
CA VAL B 133 -13.62 -17.14 -1.71
C VAL B 133 -13.08 -17.54 -0.34
N THR B 134 -12.11 -18.46 -0.32
CA THR B 134 -11.48 -18.87 0.93
C THR B 134 -9.99 -18.56 0.91
N ARG B 135 -9.42 -18.38 2.10
CA ARG B 135 -7.99 -18.56 2.30
C ARG B 135 -7.71 -19.26 3.62
N ARG B 136 -6.94 -20.33 3.58
CA ARG B 136 -6.45 -20.99 4.80
C ARG B 136 -7.61 -21.67 5.52
N GLY B 137 -8.53 -22.24 4.75
CA GLY B 137 -9.72 -22.86 5.32
C GLY B 137 -10.85 -21.88 5.49
N LYS B 138 -10.52 -20.64 5.83
CA LYS B 138 -11.51 -19.65 6.24
C LYS B 138 -11.87 -18.73 5.08
N PRO B 139 -12.99 -18.01 5.20
CA PRO B 139 -13.38 -16.98 4.25
C PRO B 139 -12.31 -15.89 4.11
N CYS B 140 -12.07 -15.46 2.88
CA CYS B 140 -11.22 -14.29 2.64
C CYS B 140 -11.72 -13.10 3.46
N TRP B 141 -10.80 -12.22 3.84
CA TRP B 141 -11.12 -11.12 4.74
C TRP B 141 -12.30 -10.32 4.21
N TYR B 142 -12.20 -9.89 2.95
CA TYR B 142 -13.23 -9.05 2.35
C TYR B 142 -14.54 -9.82 2.18
N ARG B 143 -14.51 -11.12 2.50
CA ARG B 143 -15.65 -11.99 2.29
C ARG B 143 -16.47 -12.13 3.57
N HIS B 144 -15.96 -11.59 4.66
CA HIS B 144 -16.65 -11.65 5.94
C HIS B 144 -17.90 -10.78 5.92
N PRO B 145 -18.94 -11.18 6.68
CA PRO B 145 -20.25 -10.52 6.68
C PRO B 145 -20.18 -9.02 6.95
N ASP B 146 -19.33 -8.62 7.90
CA ASP B 146 -19.26 -7.21 8.30
C ASP B 146 -17.96 -6.57 7.82
N VAL B 147 -17.43 -7.09 6.71
CA VAL B 147 -16.37 -6.40 5.99
C VAL B 147 -16.80 -6.13 4.55
N THR B 148 -16.77 -4.87 4.15
CA THR B 148 -17.01 -4.51 2.75
C THR B 148 -15.71 -4.49 1.97
N VAL B 149 -15.81 -4.65 0.65
CA VAL B 149 -14.68 -4.46 -0.24
C VAL B 149 -14.08 -3.07 -0.06
N GLN B 150 -14.94 -2.08 0.15
CA GLN B 150 -14.50 -0.71 0.38
C GLN B 150 -13.53 -0.63 1.55
N CYS B 151 -13.94 -1.21 2.67
CA CYS B 151 -13.14 -1.17 3.90
C CYS B 151 -11.94 -2.12 3.79
N ALA B 152 -12.13 -3.21 3.06
CA ALA B 152 -11.15 -4.29 3.05
C ALA B 152 -9.87 -3.87 2.32
N ILE B 153 -10.03 -3.15 1.21
CA ILE B 153 -8.89 -2.64 0.47
C ILE B 153 -8.00 -1.79 1.37
N ASN B 154 -8.64 -0.98 2.20
CA ASN B 154 -7.92 -0.05 3.07
C ASN B 154 -7.37 -0.76 4.31
N ASP B 155 -8.11 -1.72 4.84
CA ASP B 155 -7.58 -2.67 5.79
C ASP B 155 -6.23 -3.21 5.34
N GLY B 156 -6.14 -3.58 4.08
CA GLY B 156 -4.90 -4.11 3.51
C GLY B 156 -3.76 -3.12 3.61
N LEU B 157 -4.05 -1.86 3.31
CA LEU B 157 -3.04 -0.80 3.38
C LEU B 157 -2.55 -0.63 4.82
N LEU B 158 -3.48 -0.69 5.77
CA LEU B 158 -3.13 -0.65 7.18
C LEU B 158 -2.08 -1.70 7.51
N LEU B 159 -2.26 -2.90 6.98
CA LEU B 159 -1.35 -4.01 7.26
C LEU B 159 0.10 -3.61 6.95
N LYS B 160 0.30 -2.97 5.80
CA LYS B 160 1.64 -2.65 5.35
C LYS B 160 2.22 -1.45 6.10
N SER B 161 1.37 -0.49 6.41
CA SER B 161 1.77 0.62 7.27
C SER B 161 2.21 0.11 8.64
N TRP B 162 1.60 -0.98 9.07
CA TRP B 162 1.94 -1.58 10.37
C TRP B 162 3.37 -2.12 10.37
N THR B 163 3.87 -2.54 9.21
CA THR B 163 5.25 -2.99 9.11
C THR B 163 6.21 -1.85 9.43
N HIS B 164 5.93 -0.67 8.88
CA HIS B 164 6.75 0.50 9.11
C HIS B 164 6.68 0.93 10.58
N MET B 165 5.48 0.95 11.13
CA MET B 165 5.27 1.48 12.48
C MET B 165 6.02 0.62 13.51
N MET B 166 6.01 -0.69 13.31
CA MET B 166 6.61 -1.61 14.27
C MET B 166 8.13 -1.60 14.17
N ALA B 167 8.65 -1.41 12.97
CA ALA B 167 10.09 -1.22 12.79
C ALA B 167 10.56 0.08 13.44
N MET B 168 9.84 1.17 13.16
CA MET B 168 10.27 2.49 13.62
C MET B 168 10.24 2.58 15.14
N HIS B 169 9.39 1.77 15.78
CA HIS B 169 9.30 1.76 17.23
C HIS B 169 10.40 0.90 17.84
N PHE B 170 10.45 -0.37 17.44
CA PHE B 170 11.34 -1.34 18.07
C PHE B 170 12.79 -1.13 17.66
N PHE B 171 13.01 -0.45 16.53
CA PHE B 171 14.35 -0.32 15.98
C PHE B 171 14.79 1.15 15.96
N ALA B 172 14.09 1.98 16.71
CA ALA B 172 14.35 3.42 16.70
C ALA B 172 15.83 3.72 16.94
N ASP B 173 16.45 2.94 17.80
CA ASP B 173 17.79 3.25 18.29
C ASP B 173 18.86 2.50 17.51
N ARG B 174 18.43 1.58 16.65
CA ARG B 174 19.36 0.67 15.98
C ARG B 174 20.06 1.38 14.84
N PRO B 175 21.36 1.13 14.67
CA PRO B 175 22.12 1.74 13.58
C PRO B 175 21.66 1.25 12.21
N PHE B 176 20.95 0.12 12.17
CA PHE B 176 20.64 -0.53 10.91
C PHE B 176 19.24 -0.20 10.41
N LEU B 177 18.58 0.74 11.08
CA LEU B 177 17.18 1.05 10.78
C LEU B 177 17.00 1.60 9.36
N GLN B 178 17.87 2.52 8.96
CA GLN B 178 17.77 3.14 7.64
C GLN B 178 17.92 2.08 6.56
N ASP B 179 18.89 1.19 6.74
CA ASP B 179 19.23 0.20 5.73
C ASP B 179 18.16 -0.88 5.66
N LEU B 180 17.66 -1.31 6.82
CA LEU B 180 16.51 -2.20 6.87
C LEU B 180 15.34 -1.62 6.06
N LEU B 181 15.00 -0.37 6.32
CA LEU B 181 13.82 0.23 5.72
C LEU B 181 13.96 0.27 4.20
N CYS B 182 15.16 0.59 3.74
CA CYS B 182 15.42 0.71 2.30
C CYS B 182 15.34 -0.65 1.62
N ARG B 183 15.95 -1.66 2.24
CA ARG B 183 15.91 -3.01 1.70
C ARG B 183 14.49 -3.57 1.73
N PHE B 184 13.81 -3.36 2.84
CA PHE B 184 12.41 -3.75 2.95
C PHE B 184 11.58 -3.09 1.84
N ASN B 185 11.75 -1.79 1.67
CA ASN B 185 11.01 -1.06 0.65
C ASN B 185 11.23 -1.64 -0.74
N ARG B 186 12.47 -2.01 -1.03
CA ARG B 186 12.83 -2.54 -2.34
C ARG B 186 12.08 -3.84 -2.63
N VAL B 187 11.95 -4.68 -1.61
CA VAL B 187 11.29 -5.98 -1.78
C VAL B 187 9.78 -5.84 -1.79
N ASP B 188 9.27 -4.82 -1.10
CA ASP B 188 7.87 -4.43 -1.22
C ASP B 188 7.54 -4.01 -2.65
N TYR B 189 8.28 -3.03 -3.16
CA TYR B 189 8.21 -2.66 -4.57
C TYR B 189 8.24 -3.89 -5.47
N THR B 190 9.21 -4.76 -5.24
CA THR B 190 9.46 -5.87 -6.15
C THR B 190 8.23 -6.78 -6.24
N THR B 191 7.64 -7.07 -5.08
CA THR B 191 6.48 -7.95 -5.04
C THR B 191 5.32 -7.40 -5.85
N ALA B 192 5.10 -6.09 -5.75
CA ALA B 192 4.02 -5.46 -6.49
C ALA B 192 4.29 -5.51 -7.99
N VAL B 193 5.56 -5.42 -8.36
CA VAL B 193 5.96 -5.58 -9.75
C VAL B 193 5.71 -7.00 -10.24
N GLY B 194 5.93 -7.97 -9.36
CA GLY B 194 5.60 -9.36 -9.66
C GLY B 194 4.13 -9.55 -9.94
N GLN B 195 3.29 -8.88 -9.14
CA GLN B 195 1.85 -8.97 -9.31
C GLN B 195 1.43 -8.41 -10.66
N LEU B 196 2.08 -7.33 -11.08
CA LEU B 196 1.82 -6.73 -12.39
C LEU B 196 2.12 -7.73 -13.50
N TYR B 197 3.24 -8.44 -13.37
CA TYR B 197 3.60 -9.47 -14.34
C TYR B 197 2.56 -10.60 -14.34
N ASP B 198 2.15 -11.04 -13.16
CA ASP B 198 1.12 -12.06 -13.05
C ASP B 198 -0.15 -11.63 -13.79
N VAL B 199 -0.58 -10.40 -13.53
CA VAL B 199 -1.91 -9.97 -13.95
C VAL B 199 -1.93 -9.70 -15.46
N THR B 200 -0.77 -9.37 -16.01
CA THR B 200 -0.65 -9.13 -17.43
C THR B 200 -0.08 -10.35 -18.15
N SER B 201 -0.44 -11.53 -17.66
CA SER B 201 0.06 -12.77 -18.22
C SER B 201 -0.95 -13.37 -19.19
N MET B 202 -1.97 -12.59 -19.54
CA MET B 202 -3.25 -13.14 -19.95
C MET B 202 -3.44 -12.99 -21.45
N PHE B 203 -2.93 -11.89 -22.02
CA PHE B 203 -3.01 -11.68 -23.46
C PHE B 203 -1.79 -10.93 -23.98
N ASP B 204 -1.66 -10.88 -25.31
CA ASP B 204 -0.54 -10.21 -25.96
C ASP B 204 -0.27 -8.87 -25.30
N SER B 205 0.92 -8.72 -24.72
CA SER B 205 1.31 -7.48 -24.08
C SER B 205 1.40 -6.34 -25.10
N ASN B 206 1.40 -6.69 -26.38
CA ASN B 206 1.30 -5.69 -27.45
C ASN B 206 -0.05 -5.00 -27.47
N LYS B 207 -1.08 -5.69 -26.98
CA LYS B 207 -2.42 -5.13 -26.93
C LYS B 207 -2.65 -4.38 -25.63
N LEU B 208 -1.57 -4.15 -24.88
CA LEU B 208 -1.66 -3.54 -23.56
C LEU B 208 -1.79 -2.02 -23.67
N ASP B 209 -2.94 -1.50 -23.25
CA ASP B 209 -3.34 -0.14 -23.60
C ASP B 209 -4.57 0.27 -22.80
N PRO B 210 -4.36 1.09 -21.75
CA PRO B 210 -5.43 1.53 -20.86
C PRO B 210 -6.59 2.15 -21.62
N ASP B 211 -6.30 2.76 -22.75
CA ASP B 211 -7.29 3.56 -23.48
C ASP B 211 -8.04 2.70 -24.49
N VAL B 212 -7.82 1.39 -24.43
CA VAL B 212 -8.40 0.47 -25.41
C VAL B 212 -8.89 -0.79 -24.71
N SER B 213 -10.19 -1.04 -24.80
CA SER B 213 -10.80 -2.18 -24.10
C SER B 213 -10.03 -3.46 -24.39
N GLN B 214 -10.16 -4.44 -23.50
CA GLN B 214 -9.24 -5.56 -23.46
C GLN B 214 -9.96 -6.86 -23.80
N PRO B 215 -9.29 -7.73 -24.56
CA PRO B 215 -9.88 -9.00 -25.00
C PRO B 215 -10.60 -9.74 -23.87
N ASP B 219 -5.12 -15.92 -24.80
CA ASP B 219 -4.14 -15.64 -25.85
C ASP B 219 -3.02 -16.68 -25.85
N PHE B 220 -2.37 -16.83 -24.70
CA PHE B 220 -1.26 -17.77 -24.57
C PHE B 220 0.03 -17.20 -25.14
N ALA B 221 -0.02 -15.95 -25.61
CA ALA B 221 1.13 -15.31 -26.22
C ALA B 221 2.19 -14.95 -25.18
N GLU B 222 1.78 -14.87 -23.92
CA GLU B 222 2.71 -14.51 -22.84
C GLU B 222 3.18 -15.77 -22.09
N PHE B 223 2.67 -16.93 -22.49
CA PHE B 223 3.01 -18.19 -21.85
C PHE B 223 4.36 -18.69 -22.31
N THR B 224 5.42 -17.96 -21.99
CA THR B 224 6.78 -18.42 -22.23
C THR B 224 7.51 -18.69 -20.92
N LEU B 225 8.56 -19.50 -20.99
CA LEU B 225 9.38 -19.79 -19.82
C LEU B 225 9.93 -18.51 -19.21
N SER B 226 10.55 -17.68 -20.04
CA SER B 226 11.09 -16.40 -19.60
C SER B 226 10.08 -15.66 -18.73
N ASN B 227 8.87 -15.50 -19.25
CA ASN B 227 7.84 -14.72 -18.57
C ASN B 227 7.39 -15.40 -17.29
N TYR B 228 7.29 -16.73 -17.32
CA TYR B 228 7.00 -17.50 -16.12
C TYR B 228 8.05 -17.26 -15.05
N LYS B 229 9.32 -17.38 -15.44
CA LYS B 229 10.41 -17.25 -14.49
C LYS B 229 10.39 -15.88 -13.84
N ARG B 230 9.97 -14.88 -14.59
CA ARG B 230 10.05 -13.50 -14.15
C ARG B 230 8.90 -13.17 -13.18
N ILE B 231 7.72 -13.71 -13.45
CA ILE B 231 6.62 -13.65 -12.48
C ILE B 231 7.06 -14.21 -11.12
N VAL B 232 7.59 -15.43 -11.13
CA VAL B 232 7.88 -16.12 -9.89
C VAL B 232 9.04 -15.44 -9.14
N LYS B 233 10.01 -14.95 -9.90
CA LYS B 233 11.17 -14.28 -9.33
C LYS B 233 10.73 -13.10 -8.47
N TYR B 234 9.84 -12.28 -9.01
CA TYR B 234 9.57 -10.96 -8.43
C TYR B 234 8.36 -11.01 -7.49
N LYS B 235 7.39 -11.85 -7.82
CA LYS B 235 6.19 -11.96 -7.01
C LYS B 235 6.49 -12.61 -5.67
N THR B 236 7.44 -13.54 -5.65
CA THR B 236 7.48 -14.59 -4.64
C THR B 236 8.87 -14.71 -4.03
N ALA B 237 9.88 -14.84 -4.89
CA ALA B 237 11.19 -15.31 -4.45
C ALA B 237 11.85 -14.30 -3.49
N TYR B 238 11.74 -13.02 -3.82
CA TYR B 238 12.46 -12.00 -3.08
C TYR B 238 11.97 -11.93 -1.64
N TYR B 239 10.66 -11.86 -1.47
CA TYR B 239 10.10 -11.64 -0.14
C TYR B 239 9.95 -12.97 0.62
N THR B 240 9.92 -14.07 -0.11
CA THR B 240 9.73 -15.38 0.49
C THR B 240 11.07 -16.01 0.90
N TYR B 241 12.11 -15.76 0.12
CA TYR B 241 13.38 -16.44 0.31
C TYR B 241 14.54 -15.50 0.60
N LEU B 242 14.64 -14.41 -0.17
CA LEU B 242 15.74 -13.46 0.01
C LEU B 242 15.58 -12.66 1.30
N LEU B 243 14.41 -12.06 1.49
CA LEU B 243 14.23 -11.03 2.51
C LEU B 243 14.44 -11.59 3.91
N PRO B 244 13.89 -12.79 4.19
CA PRO B 244 14.12 -13.43 5.48
C PRO B 244 15.60 -13.65 5.78
N LEU B 245 16.34 -14.13 4.79
CA LEU B 245 17.78 -14.31 4.93
C LEU B 245 18.46 -12.99 5.23
N VAL B 246 18.12 -11.96 4.46
CA VAL B 246 18.79 -10.67 4.54
C VAL B 246 18.52 -10.02 5.89
N MET B 247 17.30 -10.19 6.40
CA MET B 247 16.90 -9.58 7.65
C MET B 247 17.58 -10.26 8.83
N GLY B 248 17.82 -11.56 8.71
CA GLY B 248 18.58 -12.30 9.71
C GLY B 248 20.02 -11.80 9.82
N LEU B 249 20.59 -11.41 8.67
CA LEU B 249 21.96 -10.91 8.65
C LEU B 249 22.04 -9.53 9.28
N ILE B 250 21.03 -8.70 9.04
CA ILE B 250 21.05 -7.31 9.48
C ILE B 250 20.97 -7.21 11.00
N VAL B 251 20.03 -7.93 11.60
CA VAL B 251 19.89 -7.93 13.06
C VAL B 251 21.03 -8.68 13.71
N SER B 252 21.70 -9.53 12.94
CA SER B 252 22.91 -10.20 13.40
C SER B 252 24.13 -9.32 13.19
N GLU B 253 23.95 -8.22 12.47
CA GLU B 253 25.04 -7.29 12.16
C GLU B 253 26.15 -8.00 11.40
N ALA B 254 25.78 -8.85 10.44
CA ALA B 254 26.71 -9.76 9.80
C ALA B 254 26.66 -9.63 8.29
N LEU B 255 25.94 -8.62 7.80
CA LEU B 255 25.56 -8.57 6.40
C LEU B 255 26.79 -8.55 5.48
N PRO B 256 27.80 -7.75 5.84
CA PRO B 256 29.02 -7.66 5.04
C PRO B 256 29.78 -8.99 5.02
N THR B 257 29.37 -9.92 5.88
CA THR B 257 30.12 -11.15 6.09
C THR B 257 29.98 -12.09 4.90
N VAL B 258 28.92 -11.91 4.12
CA VAL B 258 28.49 -12.93 3.18
C VAL B 258 28.54 -12.42 1.75
N ASP B 259 28.79 -13.32 0.81
CA ASP B 259 28.68 -13.02 -0.61
C ASP B 259 27.22 -12.87 -1.03
N MET B 260 26.79 -11.63 -1.21
CA MET B 260 25.39 -11.35 -1.48
C MET B 260 25.00 -11.83 -2.88
N GLY B 261 25.97 -11.78 -3.80
CA GLY B 261 25.76 -12.28 -5.15
C GLY B 261 25.20 -13.69 -5.18
N VAL B 262 25.85 -14.60 -4.45
CA VAL B 262 25.45 -15.99 -4.47
C VAL B 262 24.22 -16.21 -3.60
N THR B 263 24.12 -15.44 -2.51
CA THR B 263 22.94 -15.49 -1.67
C THR B 263 21.69 -15.16 -2.49
N GLU B 264 21.77 -14.09 -3.26
CA GLU B 264 20.70 -13.72 -4.19
C GLU B 264 20.41 -14.86 -5.16
N GLU B 265 21.47 -15.42 -5.74
CA GLU B 265 21.33 -16.51 -6.70
C GLU B 265 20.52 -17.65 -6.09
N LEU B 266 20.91 -18.07 -4.90
CA LEU B 266 20.26 -19.18 -4.23
C LEU B 266 18.78 -18.87 -4.02
N ALA B 267 18.48 -17.65 -3.61
CA ALA B 267 17.12 -17.28 -3.24
C ALA B 267 16.20 -17.32 -4.45
N MET B 268 16.72 -16.92 -5.61
CA MET B 268 15.98 -17.02 -6.86
C MET B 268 15.77 -18.47 -7.25
N LEU B 269 16.82 -19.28 -7.14
CA LEU B 269 16.73 -20.69 -7.49
C LEU B 269 15.66 -21.39 -6.66
N MET B 270 15.68 -21.14 -5.35
CA MET B 270 14.78 -21.84 -4.43
C MET B 270 13.35 -21.34 -4.61
N GLY B 271 13.20 -20.06 -4.89
CA GLY B 271 11.88 -19.48 -5.09
C GLY B 271 11.20 -20.03 -6.34
N GLU B 272 11.94 -20.08 -7.44
CA GLU B 272 11.44 -20.65 -8.67
C GLU B 272 11.05 -22.12 -8.45
N TYR B 273 11.92 -22.87 -7.80
CA TYR B 273 11.69 -24.28 -7.56
C TYR B 273 10.41 -24.50 -6.76
N PHE B 274 10.16 -23.65 -5.78
CA PHE B 274 8.95 -23.77 -4.97
C PHE B 274 7.72 -23.84 -5.85
N GLN B 275 7.60 -22.90 -6.78
CA GLN B 275 6.38 -22.77 -7.59
C GLN B 275 6.30 -23.86 -8.65
N VAL B 276 7.45 -24.23 -9.20
CA VAL B 276 7.50 -25.31 -10.18
C VAL B 276 6.99 -26.61 -9.56
N GLN B 277 7.58 -26.98 -8.42
CA GLN B 277 7.13 -28.16 -7.68
C GLN B 277 5.63 -28.10 -7.41
N ASP B 278 5.16 -26.96 -6.89
CA ASP B 278 3.74 -26.78 -6.63
C ASP B 278 2.93 -26.99 -7.91
N ASP B 279 3.40 -26.43 -9.02
CA ASP B 279 2.67 -26.47 -10.27
C ASP B 279 2.51 -27.91 -10.74
N VAL B 280 3.58 -28.68 -10.59
CA VAL B 280 3.58 -30.06 -11.06
C VAL B 280 2.74 -30.93 -10.15
N MET B 281 2.73 -30.58 -8.86
CA MET B 281 1.94 -31.32 -7.88
C MET B 281 0.45 -31.05 -8.07
N ASP B 282 0.12 -29.83 -8.47
CA ASP B 282 -1.27 -29.47 -8.72
C ASP B 282 -1.90 -30.41 -9.74
N CYS B 283 -1.08 -30.93 -10.64
CA CYS B 283 -1.58 -31.72 -11.76
C CYS B 283 -1.57 -33.21 -11.42
N PHE B 284 -0.51 -33.65 -10.75
CA PHE B 284 -0.04 -35.02 -10.87
C PHE B 284 -0.10 -35.75 -9.54
N THR B 285 -0.13 -35.00 -8.44
CA THR B 285 -0.32 -35.58 -7.13
C THR B 285 -1.80 -35.66 -6.77
N PRO B 286 -2.26 -36.85 -6.35
CA PRO B 286 -3.67 -37.13 -6.10
C PRO B 286 -4.23 -36.29 -4.96
N PRO B 287 -5.52 -35.92 -5.05
CA PRO B 287 -6.21 -35.18 -4.00
C PRO B 287 -5.89 -35.69 -2.59
N GLU B 288 -5.89 -37.00 -2.42
CA GLU B 288 -5.62 -37.61 -1.12
C GLU B 288 -4.38 -37.01 -0.49
N ARG B 289 -3.26 -37.04 -1.24
CA ARG B 289 -1.95 -36.80 -0.66
C ARG B 289 -1.48 -35.38 -0.95
N LEU B 290 -2.35 -34.59 -1.55
CA LEU B 290 -2.02 -33.20 -1.88
C LEU B 290 -2.73 -32.24 -0.93
N GLY B 291 -3.95 -32.60 -0.53
CA GLY B 291 -4.71 -31.80 0.43
C GLY B 291 -5.79 -30.98 -0.24
N LYS B 292 -5.84 -31.04 -1.57
CA LYS B 292 -6.91 -30.40 -2.33
C LYS B 292 -7.08 -31.04 -3.69
N VAL B 293 -8.16 -30.67 -4.39
CA VAL B 293 -8.20 -30.74 -5.83
C VAL B 293 -7.51 -29.53 -6.46
N GLY B 294 -6.53 -29.79 -7.32
CA GLY B 294 -5.81 -28.73 -8.02
C GLY B 294 -6.56 -28.26 -9.25
N THR B 295 -6.55 -26.94 -9.48
CA THR B 295 -7.48 -26.32 -10.41
C THR B 295 -6.77 -25.39 -11.38
N ASP B 296 -5.45 -25.56 -11.50
CA ASP B 296 -4.64 -24.65 -12.29
C ASP B 296 -5.08 -24.66 -13.76
N ILE B 297 -5.51 -25.82 -14.23
CA ILE B 297 -5.90 -25.98 -15.64
C ILE B 297 -7.25 -25.31 -15.91
N GLN B 298 -8.22 -25.57 -15.05
CA GLN B 298 -9.50 -24.86 -15.09
C GLN B 298 -9.31 -23.36 -14.97
N ASP B 299 -8.41 -22.95 -14.08
CA ASP B 299 -8.18 -21.54 -13.80
C ASP B 299 -7.26 -20.92 -14.85
N ALA B 300 -6.79 -21.75 -15.78
CA ALA B 300 -6.03 -21.27 -16.92
C ALA B 300 -4.73 -20.60 -16.47
N LYS B 301 -4.04 -21.23 -15.52
CA LYS B 301 -2.85 -20.65 -14.94
C LYS B 301 -1.71 -20.63 -15.95
N CYS B 302 -0.89 -19.58 -15.91
CA CYS B 302 0.44 -19.62 -16.47
C CYS B 302 1.37 -20.45 -15.60
N SER B 303 1.18 -21.76 -15.63
CA SER B 303 1.96 -22.68 -14.79
C SER B 303 3.25 -23.06 -15.49
N TRP B 304 4.15 -23.71 -14.76
CA TRP B 304 5.36 -24.28 -15.34
C TRP B 304 4.99 -25.33 -16.38
N LEU B 305 3.99 -26.15 -16.05
CA LEU B 305 3.53 -27.19 -16.96
C LEU B 305 3.12 -26.59 -18.30
N ALA B 306 2.34 -25.51 -18.24
CA ALA B 306 1.72 -24.96 -19.43
C ALA B 306 2.76 -24.36 -20.38
N VAL B 307 3.72 -23.62 -19.82
CA VAL B 307 4.73 -22.95 -20.63
C VAL B 307 5.73 -23.97 -21.17
N THR B 308 6.07 -24.95 -20.34
CA THR B 308 6.99 -26.01 -20.73
C THR B 308 6.38 -26.88 -21.82
N PHE B 309 5.09 -27.17 -21.69
CA PHE B 309 4.36 -27.90 -22.72
C PHE B 309 4.32 -27.11 -24.02
N LEU B 310 3.96 -25.83 -23.94
CA LEU B 310 3.81 -25.00 -25.12
C LEU B 310 5.11 -24.93 -25.92
N ALA B 311 6.24 -25.02 -25.22
CA ALA B 311 7.54 -24.77 -25.83
C ALA B 311 8.01 -25.96 -26.65
N LYS B 312 7.58 -27.16 -26.24
CA LYS B 312 8.12 -28.39 -26.80
C LYS B 312 7.10 -29.13 -27.65
N ALA B 313 5.84 -28.74 -27.54
CA ALA B 313 4.74 -29.54 -28.09
C ALA B 313 4.63 -29.37 -29.60
N SER B 314 3.98 -30.33 -30.25
CA SER B 314 3.72 -30.25 -31.69
C SER B 314 2.53 -29.35 -31.98
N SER B 315 2.49 -28.83 -33.20
CA SER B 315 1.39 -27.96 -33.61
C SER B 315 0.03 -28.57 -33.28
N ALA B 316 -0.10 -29.87 -33.51
CA ALA B 316 -1.37 -30.56 -33.28
C ALA B 316 -1.67 -30.62 -31.79
N GLN B 317 -0.68 -31.01 -31.00
CA GLN B 317 -0.81 -31.00 -29.55
C GLN B 317 -1.23 -29.61 -29.05
N VAL B 318 -0.59 -28.58 -29.56
CA VAL B 318 -0.82 -27.22 -29.10
C VAL B 318 -2.27 -26.79 -29.35
N ALA B 319 -2.80 -27.16 -30.51
CA ALA B 319 -4.18 -26.84 -30.85
C ALA B 319 -5.15 -27.54 -29.91
N GLU B 320 -4.93 -28.84 -29.70
CA GLU B 320 -5.72 -29.60 -28.73
C GLU B 320 -5.70 -28.91 -27.37
N PHE B 321 -4.53 -28.44 -26.96
CA PHE B 321 -4.36 -27.79 -25.67
C PHE B 321 -5.14 -26.48 -25.63
N LYS B 322 -5.00 -25.68 -26.67
CA LYS B 322 -5.68 -24.39 -26.74
C LYS B 322 -7.19 -24.55 -26.76
N ALA B 323 -7.66 -25.73 -27.17
CA ALA B 323 -9.08 -25.97 -27.35
C ALA B 323 -9.72 -26.45 -26.05
N ASN B 324 -8.88 -26.83 -25.09
CA ASN B 324 -9.35 -27.56 -23.92
C ASN B 324 -8.97 -26.87 -22.62
N TYR B 325 -8.04 -25.93 -22.69
CA TYR B 325 -7.44 -25.32 -21.51
C TYR B 325 -8.38 -24.28 -20.90
N GLY B 326 -8.37 -24.20 -19.57
CA GLY B 326 -9.00 -23.09 -18.87
C GLY B 326 -10.51 -23.20 -18.84
N SER B 327 -11.00 -24.42 -18.69
CA SER B 327 -12.43 -24.68 -18.64
C SER B 327 -12.76 -25.67 -17.53
N GLY B 328 -13.92 -25.48 -16.91
CA GLY B 328 -14.33 -26.33 -15.79
C GLY B 328 -14.77 -27.70 -16.25
N ASP B 329 -15.16 -27.80 -17.52
CA ASP B 329 -15.62 -29.06 -18.08
C ASP B 329 -14.64 -30.18 -17.78
N SER B 330 -15.16 -31.31 -17.30
CA SER B 330 -14.32 -32.32 -16.66
C SER B 330 -13.54 -33.11 -17.71
N GLU B 331 -14.11 -33.22 -18.91
CA GLU B 331 -13.45 -33.89 -20.02
C GLU B 331 -12.25 -33.07 -20.51
N LYS B 332 -12.45 -31.76 -20.63
CA LYS B 332 -11.43 -30.89 -21.20
C LYS B 332 -10.21 -30.84 -20.29
N VAL B 333 -10.44 -30.87 -18.99
CA VAL B 333 -9.36 -30.96 -18.02
C VAL B 333 -8.55 -32.22 -18.25
N ALA B 334 -9.25 -33.33 -18.47
CA ALA B 334 -8.61 -34.64 -18.55
C ALA B 334 -7.78 -34.74 -19.82
N THR B 335 -8.25 -34.11 -20.89
CA THR B 335 -7.50 -33.99 -22.13
C THR B 335 -6.16 -33.31 -21.88
N VAL B 336 -6.17 -32.23 -21.11
CA VAL B 336 -4.95 -31.50 -20.80
C VAL B 336 -4.00 -32.35 -19.97
N ARG B 337 -4.54 -33.01 -18.95
CA ARG B 337 -3.76 -33.95 -18.15
C ARG B 337 -3.10 -35.00 -19.05
N ARG B 338 -3.82 -35.41 -20.08
CA ARG B 338 -3.35 -36.43 -20.99
C ARG B 338 -2.22 -35.88 -21.87
N LEU B 339 -2.43 -34.70 -22.42
CA LEU B 339 -1.42 -34.01 -23.20
C LEU B 339 -0.13 -33.84 -22.41
N TYR B 340 -0.27 -33.46 -21.14
CA TYR B 340 0.88 -33.28 -20.26
C TYR B 340 1.63 -34.60 -20.08
N GLU B 341 0.89 -35.66 -19.81
CA GLU B 341 1.48 -36.98 -19.62
C GLU B 341 2.22 -37.43 -20.88
N GLU B 342 1.62 -37.18 -22.04
CA GLU B 342 2.14 -37.71 -23.29
C GLU B 342 3.36 -36.93 -23.76
N ALA B 343 3.52 -35.72 -23.24
CA ALA B 343 4.74 -34.94 -23.49
C ALA B 343 5.75 -35.16 -22.37
N ASP B 344 5.43 -36.06 -21.45
CA ASP B 344 6.34 -36.43 -20.37
C ASP B 344 6.90 -35.19 -19.67
N LEU B 345 6.00 -34.37 -19.15
CA LEU B 345 6.40 -33.21 -18.35
C LEU B 345 6.90 -33.63 -16.97
N GLN B 346 6.46 -34.80 -16.52
CA GLN B 346 6.96 -35.35 -15.26
C GLN B 346 8.45 -35.68 -15.36
N GLY B 347 8.86 -36.21 -16.51
CA GLY B 347 10.27 -36.44 -16.78
C GLY B 347 11.05 -35.15 -16.85
N ASP B 348 10.45 -34.14 -17.49
CA ASP B 348 11.07 -32.82 -17.58
C ASP B 348 11.25 -32.20 -16.20
N TYR B 349 10.24 -32.33 -15.35
CA TYR B 349 10.35 -31.85 -13.97
C TYR B 349 11.48 -32.56 -13.23
N VAL B 350 11.49 -33.89 -13.30
CA VAL B 350 12.47 -34.68 -12.58
C VAL B 350 13.88 -34.25 -12.92
N ALA B 351 14.10 -33.91 -14.19
CA ALA B 351 15.42 -33.47 -14.64
C ALA B 351 15.70 -32.05 -14.17
N TYR B 352 14.67 -31.21 -14.14
CA TYR B 352 14.80 -29.83 -13.68
C TYR B 352 15.13 -29.81 -12.19
N GLU B 353 14.35 -30.56 -11.41
CA GLU B 353 14.61 -30.72 -9.99
C GLU B 353 16.07 -31.07 -9.73
N ALA B 354 16.55 -32.11 -10.41
CA ALA B 354 17.91 -32.61 -10.20
C ALA B 354 18.93 -31.52 -10.52
N ALA B 355 18.68 -30.77 -11.59
CA ALA B 355 19.60 -29.71 -12.00
C ALA B 355 19.63 -28.59 -10.97
N VAL B 356 18.46 -28.28 -10.42
CA VAL B 356 18.35 -27.24 -9.40
C VAL B 356 19.04 -27.68 -8.12
N ALA B 357 18.70 -28.87 -7.63
CA ALA B 357 19.26 -29.39 -6.40
C ALA B 357 20.78 -29.27 -6.41
N GLU B 358 21.37 -29.44 -7.59
CA GLU B 358 22.82 -29.51 -7.71
C GLU B 358 23.44 -28.11 -7.71
N GLN B 359 22.91 -27.23 -8.56
CA GLN B 359 23.31 -25.82 -8.52
C GLN B 359 23.22 -25.29 -7.09
N VAL B 360 22.13 -25.61 -6.41
CA VAL B 360 21.90 -25.12 -5.06
C VAL B 360 22.97 -25.62 -4.10
N LYS B 361 23.35 -26.88 -4.24
CA LYS B 361 24.36 -27.49 -3.38
C LYS B 361 25.73 -26.87 -3.63
N GLU B 362 26.05 -26.65 -4.89
CA GLU B 362 27.28 -25.97 -5.27
C GLU B 362 27.37 -24.61 -4.58
N LEU B 363 26.27 -23.88 -4.60
CA LEU B 363 26.27 -22.48 -4.17
C LEU B 363 26.30 -22.38 -2.66
N ILE B 364 25.58 -23.28 -1.99
CA ILE B 364 25.64 -23.40 -0.54
C ILE B 364 27.07 -23.61 -0.09
N GLU B 365 27.79 -24.48 -0.80
CA GLU B 365 29.17 -24.80 -0.44
C GLU B 365 30.07 -23.58 -0.57
N LYS B 366 30.04 -22.95 -1.75
CA LYS B 366 30.63 -21.62 -1.91
C LYS B 366 30.35 -20.76 -0.67
N LEU B 367 29.09 -20.69 -0.27
CA LEU B 367 28.71 -19.95 0.93
C LEU B 367 29.45 -20.47 2.16
N ARG B 368 29.44 -21.78 2.34
CA ARG B 368 29.84 -22.39 3.61
C ARG B 368 31.29 -22.07 3.94
N LEU B 369 32.11 -21.89 2.91
CA LEU B 369 33.52 -21.62 3.08
C LEU B 369 33.74 -20.39 3.95
N CYS B 370 33.11 -19.28 3.58
CA CYS B 370 33.33 -18.01 4.25
C CYS B 370 32.33 -17.79 5.37
N SER B 371 31.17 -18.43 5.24
CA SER B 371 30.01 -18.10 6.05
C SER B 371 29.24 -19.36 6.43
N PRO B 372 29.84 -20.20 7.27
CA PRO B 372 29.28 -21.52 7.59
C PRO B 372 27.98 -21.44 8.37
N GLY B 373 27.88 -20.49 9.29
CA GLY B 373 26.64 -20.25 10.02
C GLY B 373 25.50 -19.90 9.10
N PHE B 374 25.71 -18.89 8.26
CA PHE B 374 24.71 -18.48 7.28
C PHE B 374 24.35 -19.65 6.35
N ALA B 375 25.36 -20.25 5.74
CA ALA B 375 25.14 -21.31 4.75
C ALA B 375 24.27 -22.42 5.33
N ALA B 376 24.47 -22.71 6.61
CA ALA B 376 23.75 -23.81 7.25
C ALA B 376 22.26 -23.49 7.39
N SER B 377 21.95 -22.23 7.67
CA SER B 377 20.55 -21.80 7.77
C SER B 377 19.90 -21.77 6.40
N VAL B 378 20.68 -21.45 5.37
CA VAL B 378 20.20 -21.54 4.00
C VAL B 378 19.88 -23.00 3.64
N GLU B 379 20.76 -23.91 4.05
CA GLU B 379 20.54 -25.34 3.86
C GLU B 379 19.23 -25.78 4.49
N THR B 380 18.97 -25.28 5.70
CA THR B 380 17.77 -25.64 6.44
C THR B 380 16.52 -25.13 5.73
N LEU B 381 16.58 -23.89 5.26
CA LEU B 381 15.51 -23.31 4.48
C LEU B 381 15.24 -24.12 3.21
N TRP B 382 16.32 -24.62 2.61
CA TRP B 382 16.23 -25.38 1.37
C TRP B 382 15.57 -26.73 1.61
N GLY B 383 15.71 -27.26 2.83
CA GLY B 383 15.18 -28.56 3.17
C GLY B 383 13.68 -28.54 3.45
N LYS B 384 13.18 -27.37 3.83
CA LYS B 384 11.74 -27.20 4.01
C LYS B 384 11.05 -26.97 2.67
N THR B 385 11.84 -26.97 1.60
CA THR B 385 11.31 -26.72 0.27
C THR B 385 11.37 -27.97 -0.59
N TYR B 386 12.45 -28.74 -0.43
CA TYR B 386 13.01 -29.53 -1.52
C TYR B 386 12.28 -30.85 -1.68
N LYS B 387 11.41 -31.16 -0.72
CA LYS B 387 10.17 -31.89 -1.03
C LYS B 387 9.02 -31.38 -0.17
N ARG B 388 7.81 -31.89 -0.44
CA ARG B 388 7.30 -33.05 0.27
C ARG B 388 6.42 -33.90 -0.64
#